data_5IR6
#
_entry.id   5IR6
#
_cell.length_a   110.060
_cell.length_b   120.860
_cell.length_c   122.720
_cell.angle_alpha   90.00
_cell.angle_beta   90.00
_cell.angle_gamma   90.00
#
_symmetry.space_group_name_H-M   'P 21 21 21'
#
loop_
_entity.id
_entity.type
_entity.pdbx_description
1 polymer 'Bd-type quinol oxidase subunit I'
2 polymer 'Bd-type quinol oxidase subunit II'
3 polymer 'Putative membrane protein'
4 non-polymer 'HEME B/C'
5 non-polymer 'CIS-HEME D HYDROXYCHLORIN GAMMA-SPIROLACTONE'
#
loop_
_entity_poly.entity_id
_entity_poly.type
_entity_poly.pdbx_seq_one_letter_code
_entity_poly.pdbx_strand_id
1 'polypeptide(L)'
;MNGYDPVLLSRILTELTLTVHIIYATIGVGVPLMIAIAQWVGIRKNDMHYILLARRWTRGFVITVAVGVVTGTAIGLQLS
LLWPNFMQLAGQVISLPLFMETFAFFFEAIFLGIYLYTWDRFENQKKHLLLLIPVAIGSSASAMFITMVNAFMNTPQGFE
LKNGELVNIDPIVAMFNPAMPTKVAHVLATSYMTSAFVLASIAAWHLWKGNRHIYHRKALHLTMKTAFIFSVASALVGDL
SGKFLAEYQPEKLAAAEWHFETSSHAPLILFGTLEEDNEVKYALEIPYALSILAHNHPAAVVTGLNDIPEDERPPLYIHY
LFDVMVTIGVFLMVVAAVYWLGSIFRWKWTAKNWFFGLLVAGGPLAMIAIEAGWYLAEVGRQPWILRGYMKTAEGATTSA
HVDTMLVLFCLLYIVLVIASATVLIRMFRRNPVERELEERANRGEVAP
;
A
2 'polypeptide(L)'
;MTLEVIGISVLWLFLFGYIIVASIDFGAGFFSVYSHWANQQHILHRIIQRYLSPVWEVTNVFLVFFFVGIVGFFPKTAYY
YGSILLVPASIAIVLLAIRGSYYAFHTYGETERNWYLLAYGLTGLFIPASLSIVLTISEGGFVEENAAGVALDYGKLFAS
PLSWSVVLLSVTSVLYISAVFLTYYADAAGDEQARALLRRYALLWSGPTMLSALLIIYQLRYHNPEHYDNLWNVAWMLVI
SFLFFVITVWLLGRQRRFGWAFIALLFQYAFAFYAYGISHYPYLLYPYLTIYDGFTNETMAMALIVAFIAGLLLLIPSLY
LLMRLFLFNKAYVKGKWEGGKG
;
B
3 'polypeptide(L)' MQTFLIMYAPMVVVALSVVAAFWVGLKDVHVNE C
#
# COMPACT_ATOMS: atom_id res chain seq x y z
N MET A 1 -18.29 -8.80 -25.75
CA MET A 1 -16.90 -8.97 -25.22
C MET A 1 -16.08 -7.66 -25.12
N ASN A 2 -16.65 -6.54 -25.60
CA ASN A 2 -16.06 -5.20 -25.40
C ASN A 2 -16.30 -4.64 -23.99
N GLY A 3 -17.12 -5.35 -23.20
CA GLY A 3 -17.32 -5.07 -21.78
C GLY A 3 -17.58 -6.33 -20.96
N TYR A 4 -16.98 -7.45 -21.39
CA TYR A 4 -17.08 -8.75 -20.72
C TYR A 4 -15.74 -9.51 -20.63
N ASP A 5 -14.86 -9.34 -21.62
CA ASP A 5 -13.45 -9.74 -21.49
C ASP A 5 -12.82 -9.19 -20.19
N PRO A 6 -13.00 -7.89 -19.92
CA PRO A 6 -12.45 -7.31 -18.70
C PRO A 6 -12.94 -7.97 -17.40
N VAL A 7 -14.13 -8.53 -17.41
CA VAL A 7 -14.60 -9.32 -16.27
C VAL A 7 -13.54 -10.35 -15.87
N LEU A 8 -12.82 -10.88 -16.86
CA LEU A 8 -11.78 -11.90 -16.63
C LEU A 8 -10.39 -11.27 -16.58
N LEU A 9 -10.09 -10.43 -17.59
CA LEU A 9 -8.79 -9.75 -17.66
C LEU A 9 -8.48 -8.92 -16.40
N SER A 10 -9.49 -8.24 -15.86
CA SER A 10 -9.33 -7.45 -14.63
C SER A 10 -8.94 -8.33 -13.46
N ARG A 11 -9.74 -9.39 -13.27
CA ARG A 11 -9.47 -10.39 -12.23
C ARG A 11 -8.02 -10.86 -12.36
N ILE A 12 -7.69 -11.29 -13.59
CA ILE A 12 -6.33 -11.74 -13.88
C ILE A 12 -5.27 -10.69 -13.50
N LEU A 13 -5.43 -9.45 -13.96
CA LEU A 13 -4.45 -8.37 -13.66
C LEU A 13 -4.32 -8.11 -12.17
N THR A 14 -5.45 -7.85 -11.53
CA THR A 14 -5.50 -7.64 -10.08
C THR A 14 -4.75 -8.77 -9.34
N GLU A 15 -5.09 -10.02 -9.66
CA GLU A 15 -4.28 -11.12 -9.12
C GLU A 15 -2.78 -10.85 -9.30
N LEU A 16 -2.35 -10.57 -10.53
CA LEU A 16 -0.94 -10.35 -10.86
C LEU A 16 -0.31 -9.20 -10.10
N THR A 17 -1.10 -8.18 -9.78
CA THR A 17 -0.58 -7.07 -8.98
C THR A 17 -0.46 -7.48 -7.54
N LEU A 18 -1.58 -7.91 -6.97
CA LEU A 18 -1.63 -8.13 -5.53
C LEU A 18 -0.75 -9.33 -5.09
N THR A 19 -0.72 -10.36 -5.93
CA THR A 19 0.12 -11.54 -5.74
C THR A 19 1.55 -11.10 -5.54
N VAL A 20 1.96 -10.06 -6.25
CA VAL A 20 3.25 -9.45 -6.06
C VAL A 20 3.26 -8.60 -4.78
N HIS A 21 2.21 -7.82 -4.59
CA HIS A 21 2.10 -7.00 -3.39
C HIS A 21 2.39 -7.78 -2.13
N ILE A 22 1.80 -8.98 -1.99
CA ILE A 22 1.89 -9.74 -0.72
C ILE A 22 3.27 -10.28 -0.36
N ILE A 23 4.03 -10.67 -1.37
CA ILE A 23 5.42 -11.07 -1.18
C ILE A 23 6.13 -9.97 -0.42
N TYR A 24 5.87 -8.72 -0.82
CA TYR A 24 6.51 -7.53 -0.24
C TYR A 24 5.68 -6.86 0.87
N ALA A 25 4.90 -7.66 1.59
CA ALA A 25 3.93 -7.09 2.51
C ALA A 25 3.90 -7.82 3.83
N THR A 26 3.56 -9.11 3.80
CA THR A 26 3.48 -9.95 5.01
C THR A 26 4.82 -9.96 5.73
N ILE A 27 5.86 -9.72 4.94
CA ILE A 27 7.19 -9.40 5.44
C ILE A 27 7.12 -8.09 6.20
N GLY A 28 6.61 -7.04 5.55
CA GLY A 28 6.31 -5.77 6.22
C GLY A 28 5.49 -5.86 7.51
N VAL A 29 4.64 -6.89 7.60
CA VAL A 29 3.82 -7.16 8.79
C VAL A 29 4.60 -7.93 9.87
N GLY A 30 5.30 -8.98 9.45
CA GLY A 30 5.94 -9.90 10.39
C GLY A 30 7.36 -9.56 10.81
N VAL A 31 8.15 -9.08 9.86
CA VAL A 31 9.52 -8.69 10.14
C VAL A 31 9.64 -7.72 11.31
N PRO A 32 8.88 -6.60 11.30
CA PRO A 32 9.10 -5.62 12.36
C PRO A 32 8.91 -6.18 13.76
N LEU A 33 7.90 -7.03 13.93
CA LEU A 33 7.74 -7.77 15.18
C LEU A 33 9.05 -8.47 15.53
N MET A 34 9.55 -9.24 14.56
CA MET A 34 10.75 -10.05 14.76
C MET A 34 11.98 -9.20 15.12
N ILE A 35 12.06 -8.05 14.48
CA ILE A 35 13.12 -7.06 14.74
C ILE A 35 12.98 -6.52 16.17
N ALA A 36 11.79 -6.02 16.51
CA ALA A 36 11.52 -5.63 17.88
C ALA A 36 11.97 -6.72 18.85
N ILE A 37 11.51 -7.96 18.64
CA ILE A 37 11.87 -9.08 19.53
C ILE A 37 13.38 -9.30 19.59
N ALA A 38 14.05 -9.25 18.44
CA ALA A 38 15.53 -9.39 18.42
C ALA A 38 16.23 -8.30 19.22
N GLN A 39 15.80 -7.05 19.02
CA GLN A 39 16.29 -5.92 19.79
C GLN A 39 16.09 -6.21 21.28
N TRP A 40 14.84 -6.52 21.63
CA TRP A 40 14.47 -6.79 23.03
C TRP A 40 15.30 -7.90 23.65
N VAL A 41 15.52 -8.98 22.91
CA VAL A 41 16.37 -10.07 23.38
C VAL A 41 17.80 -9.58 23.57
N GLY A 42 18.33 -8.89 22.55
CA GLY A 42 19.68 -8.33 22.63
C GLY A 42 19.89 -7.45 23.86
N ILE A 43 18.89 -6.60 24.11
CA ILE A 43 18.87 -5.68 25.25
C ILE A 43 18.77 -6.44 26.57
N ARG A 44 17.72 -7.25 26.71
CA ARG A 44 17.49 -7.99 27.95
C ARG A 44 18.63 -8.95 28.27
N LYS A 45 19.27 -9.50 27.24
CA LYS A 45 20.34 -10.47 27.41
C LYS A 45 21.74 -9.83 27.38
N ASN A 46 21.82 -8.54 27.03
CA ASN A 46 23.09 -7.83 26.85
C ASN A 46 23.96 -8.58 25.86
N ASP A 47 23.37 -8.92 24.73
CA ASP A 47 24.08 -9.65 23.70
C ASP A 47 23.96 -8.86 22.43
N MET A 48 25.02 -8.12 22.11
CA MET A 48 24.98 -7.19 21.01
C MET A 48 25.28 -7.90 19.70
N HIS A 49 24.68 -9.09 19.53
CA HIS A 49 24.64 -9.81 18.27
C HIS A 49 23.20 -9.85 17.73
N TYR A 50 22.21 -9.89 18.64
CA TYR A 50 20.79 -9.80 18.29
C TYR A 50 20.48 -8.39 17.78
N ILE A 51 21.02 -7.42 18.51
CA ILE A 51 20.93 -6.01 18.15
C ILE A 51 21.51 -5.74 16.76
N LEU A 52 22.50 -6.53 16.36
CA LEU A 52 23.00 -6.50 14.99
C LEU A 52 22.05 -7.13 13.98
N LEU A 53 21.34 -8.19 14.38
CA LEU A 53 20.36 -8.84 13.50
C LEU A 53 19.09 -8.02 13.29
N ALA A 54 18.66 -7.29 14.33
CA ALA A 54 17.58 -6.29 14.19
C ALA A 54 17.84 -5.37 12.97
N ARG A 55 18.97 -4.66 13.02
CA ARG A 55 19.36 -3.74 11.95
C ARG A 55 19.69 -4.49 10.66
N ARG A 56 20.46 -5.57 10.76
CA ARG A 56 20.75 -6.42 9.60
C ARG A 56 19.45 -6.75 8.83
N TRP A 57 18.38 -7.00 9.58
CA TRP A 57 17.07 -7.20 8.96
C TRP A 57 16.53 -5.88 8.42
N THR A 58 16.50 -4.87 9.28
CA THR A 58 15.92 -3.57 8.90
C THR A 58 16.46 -3.09 7.53
N ARG A 59 17.78 -3.21 7.37
CA ARG A 59 18.50 -2.74 6.19
C ARG A 59 17.90 -3.29 4.89
N GLY A 60 17.25 -4.45 4.95
CA GLY A 60 16.48 -5.01 3.81
C GLY A 60 14.97 -4.78 3.92
N PHE A 61 14.49 -4.83 5.16
CA PHE A 61 13.12 -4.40 5.48
C PHE A 61 12.77 -3.13 4.73
N VAL A 62 13.71 -2.19 4.66
CA VAL A 62 13.55 -0.98 3.80
C VAL A 62 13.16 -1.31 2.35
N ILE A 63 14.03 -2.07 1.69
CA ILE A 63 13.85 -2.42 0.27
C ILE A 63 12.56 -3.19 0.06
N THR A 64 12.30 -4.14 0.94
CA THR A 64 11.00 -4.82 0.94
C THR A 64 9.85 -3.81 1.00
N VAL A 65 9.91 -2.96 2.02
CA VAL A 65 8.94 -1.92 2.23
C VAL A 65 8.69 -1.13 0.93
N ALA A 66 9.75 -0.56 0.35
CA ALA A 66 9.56 0.26 -0.87
C ALA A 66 8.86 -0.46 -2.03
N VAL A 67 9.29 -1.70 -2.32
CA VAL A 67 8.64 -2.51 -3.37
C VAL A 67 7.19 -2.76 -2.98
N GLY A 68 6.97 -3.04 -1.70
CA GLY A 68 5.63 -3.11 -1.17
C GLY A 68 4.83 -1.86 -1.53
N VAL A 69 5.39 -0.69 -1.23
CA VAL A 69 4.71 0.58 -1.44
C VAL A 69 4.25 0.70 -2.88
N VAL A 70 5.18 0.62 -3.84
CA VAL A 70 4.80 0.84 -5.27
C VAL A 70 3.68 -0.09 -5.77
N THR A 71 3.75 -1.36 -5.35
CA THR A 71 2.72 -2.36 -5.68
C THR A 71 1.40 -2.04 -4.96
N GLY A 72 1.55 -1.52 -3.76
CA GLY A 72 0.44 -1.00 -2.98
C GLY A 72 -0.26 0.09 -3.76
N THR A 73 0.48 1.13 -4.15
CA THR A 73 -0.04 2.23 -4.96
C THR A 73 -0.72 1.63 -6.20
N ALA A 74 0.02 0.75 -6.90
CA ALA A 74 -0.55 0.09 -8.06
C ALA A 74 -1.96 -0.45 -7.74
N ILE A 75 -2.05 -1.40 -6.80
CA ILE A 75 -3.37 -1.98 -6.52
C ILE A 75 -4.39 -0.93 -6.09
N GLY A 76 -3.94 -0.01 -5.25
CA GLY A 76 -4.79 1.05 -4.74
C GLY A 76 -5.45 1.75 -5.89
N LEU A 77 -4.66 2.17 -6.86
CA LEU A 77 -5.22 2.85 -8.02
C LEU A 77 -6.05 1.92 -8.87
N GLN A 78 -5.54 0.72 -9.12
CA GLN A 78 -6.28 -0.30 -9.92
C GLN A 78 -7.68 -0.62 -9.40
N LEU A 79 -7.84 -0.48 -8.08
CA LEU A 79 -9.10 -0.74 -7.38
C LEU A 79 -10.34 -0.18 -8.10
N SER A 80 -10.53 1.13 -8.02
CA SER A 80 -11.69 1.80 -8.63
C SER A 80 -11.58 1.91 -10.16
N LEU A 81 -10.37 1.71 -10.70
CA LEU A 81 -10.13 1.68 -12.15
C LEU A 81 -10.74 0.45 -12.80
N LEU A 82 -10.42 -0.71 -12.25
CA LEU A 82 -10.92 -1.98 -12.80
C LEU A 82 -12.34 -2.31 -12.37
N TRP A 83 -12.72 -1.83 -11.18
CA TRP A 83 -14.03 -2.09 -10.60
C TRP A 83 -14.74 -0.79 -10.17
N PRO A 84 -15.15 0.04 -11.15
CA PRO A 84 -15.85 1.28 -10.81
C PRO A 84 -17.19 1.07 -10.10
N ASN A 85 -18.11 0.36 -10.75
CA ASN A 85 -19.48 0.16 -10.21
C ASN A 85 -19.50 -0.44 -8.81
N PHE A 86 -18.43 -1.16 -8.48
CA PHE A 86 -18.24 -1.65 -7.14
C PHE A 86 -18.08 -0.50 -6.14
N MET A 87 -17.11 0.36 -6.43
CA MET A 87 -16.79 1.46 -5.55
C MET A 87 -17.90 2.51 -5.57
N GLN A 88 -18.61 2.61 -6.70
CA GLN A 88 -19.80 3.44 -6.81
C GLN A 88 -20.77 3.21 -5.63
N LEU A 89 -20.84 1.97 -5.15
CA LEU A 89 -21.66 1.63 -3.98
C LEU A 89 -20.79 1.60 -2.75
N ALA A 90 -19.83 0.67 -2.74
CA ALA A 90 -19.16 0.31 -1.50
C ALA A 90 -18.06 1.27 -1.08
N GLY A 91 -17.65 2.15 -2.02
CA GLY A 91 -16.56 3.10 -1.78
C GLY A 91 -16.78 3.92 -0.53
N GLN A 92 -18.04 4.26 -0.29
CA GLN A 92 -18.48 5.04 0.87
C GLN A 92 -18.12 4.33 2.17
N VAL A 93 -18.18 3.00 2.15
CA VAL A 93 -17.93 2.14 3.31
C VAL A 93 -16.48 1.63 3.41
N ILE A 94 -15.86 1.38 2.27
CA ILE A 94 -14.46 0.97 2.24
C ILE A 94 -13.48 2.14 2.48
N SER A 95 -13.85 3.33 2.01
CA SER A 95 -12.98 4.53 2.11
C SER A 95 -12.11 4.66 3.36
N LEU A 96 -12.70 4.46 4.53
CA LEU A 96 -12.02 4.70 5.80
C LEU A 96 -10.89 3.68 6.10
N PRO A 97 -11.26 2.40 6.28
CA PRO A 97 -10.22 1.42 6.64
C PRO A 97 -9.01 1.45 5.69
N LEU A 98 -9.30 1.43 4.40
CA LEU A 98 -8.27 1.53 3.37
C LEU A 98 -7.31 2.68 3.70
N PHE A 99 -7.87 3.84 4.08
CA PHE A 99 -7.07 5.00 4.49
C PHE A 99 -6.27 4.65 5.75
N MET A 100 -6.97 4.05 6.72
CA MET A 100 -6.34 3.76 8.02
C MET A 100 -5.14 2.80 7.92
N GLU A 101 -5.21 1.90 6.96
CA GLU A 101 -4.06 1.05 6.63
C GLU A 101 -2.81 1.88 6.41
N THR A 102 -2.87 2.74 5.41
CA THR A 102 -1.73 3.56 4.98
C THR A 102 -1.39 4.65 6.00
N PHE A 103 -2.39 5.12 6.73
CA PHE A 103 -2.15 6.00 7.87
C PHE A 103 -1.29 5.32 8.95
N ALA A 104 -1.72 4.11 9.32
CA ALA A 104 -0.98 3.26 10.28
C ALA A 104 0.42 2.96 9.74
N PHE A 105 0.49 2.69 8.44
CA PHE A 105 1.80 2.57 7.78
C PHE A 105 2.66 3.85 7.91
N PHE A 106 2.10 5.04 7.70
CA PHE A 106 2.91 6.26 7.84
C PHE A 106 3.34 6.48 9.30
N PHE A 107 2.39 6.32 10.20
CA PHE A 107 2.69 6.30 11.63
C PHE A 107 3.84 5.34 11.98
N GLU A 108 3.82 4.10 11.47
CA GLU A 108 4.99 3.21 11.71
C GLU A 108 6.24 3.70 10.99
N ALA A 109 6.03 4.31 9.83
CA ALA A 109 7.11 4.73 8.93
C ALA A 109 7.93 5.86 9.54
N ILE A 110 7.25 6.76 10.25
CA ILE A 110 7.93 7.80 11.03
C ILE A 110 8.98 7.18 11.96
N PHE A 111 8.50 6.34 12.89
CA PHE A 111 9.34 5.71 13.91
C PHE A 111 10.39 4.78 13.30
N LEU A 112 10.00 4.03 12.28
CA LEU A 112 10.94 3.27 11.48
C LEU A 112 12.07 4.19 11.00
N GLY A 113 11.70 5.34 10.41
CA GLY A 113 12.67 6.33 9.94
C GLY A 113 13.52 6.97 11.04
N ILE A 114 12.91 7.11 12.22
CA ILE A 114 13.61 7.60 13.40
C ILE A 114 14.67 6.57 13.79
N TYR A 115 14.24 5.37 14.17
CA TYR A 115 15.20 4.29 14.51
C TYR A 115 16.28 4.13 13.44
N LEU A 116 15.85 4.16 12.19
CA LEU A 116 16.78 4.01 11.08
C LEU A 116 17.83 5.12 11.07
N TYR A 117 17.43 6.34 11.47
CA TYR A 117 18.32 7.51 11.48
C TYR A 117 18.57 8.17 12.86
N THR A 118 18.36 7.41 13.93
CA THR A 118 18.79 7.82 15.28
C THR A 118 19.62 6.76 16.00
N TRP A 119 19.45 5.49 15.62
CA TRP A 119 20.31 4.41 16.13
C TRP A 119 21.78 4.65 15.81
N ASP A 120 22.03 5.47 14.79
CA ASP A 120 23.38 5.89 14.42
C ASP A 120 23.70 7.31 14.91
N ARG A 121 22.98 7.80 15.93
CA ARG A 121 23.19 9.16 16.47
C ARG A 121 22.95 9.28 17.99
N PHE A 122 21.71 9.05 18.41
CA PHE A 122 21.30 9.29 19.80
C PHE A 122 21.38 8.04 20.69
N GLU A 123 20.97 8.19 21.95
CA GLU A 123 21.46 7.34 23.03
C GLU A 123 20.62 6.09 23.35
N ASN A 124 21.32 5.03 23.78
CA ASN A 124 20.71 3.88 24.47
C ASN A 124 19.84 2.98 23.61
N GLN A 125 19.84 1.68 23.91
CA GLN A 125 19.12 0.69 23.11
C GLN A 125 17.64 0.59 23.43
N LYS A 126 17.28 0.73 24.70
CA LYS A 126 15.87 0.77 25.05
C LYS A 126 15.19 1.85 24.24
N LYS A 127 15.78 3.05 24.22
CA LYS A 127 15.21 4.16 23.45
C LYS A 127 15.16 3.90 21.94
N HIS A 128 15.70 2.76 21.50
CA HIS A 128 15.50 2.26 20.14
C HIS A 128 14.52 1.07 20.10
N LEU A 129 14.31 0.41 21.24
CA LEU A 129 13.20 -0.52 21.39
C LEU A 129 11.86 0.22 21.36
N LEU A 130 11.79 1.30 22.14
CA LEU A 130 10.61 2.13 22.23
C LEU A 130 10.25 2.74 20.86
N LEU A 131 11.25 2.87 19.98
CA LEU A 131 11.02 3.31 18.60
C LEU A 131 10.60 2.16 17.68
N LEU A 132 10.92 0.92 18.06
CA LEU A 132 10.56 -0.28 17.26
C LEU A 132 9.27 -0.95 17.71
N ILE A 133 8.77 -0.58 18.88
CA ILE A 133 7.44 -1.05 19.30
C ILE A 133 6.32 -0.46 18.42
N PRO A 134 6.33 0.87 18.19
CA PRO A 134 5.27 1.50 17.39
C PRO A 134 5.23 0.98 15.96
N VAL A 135 6.39 0.55 15.46
CA VAL A 135 6.52 0.06 14.10
C VAL A 135 5.63 -1.17 13.89
N ALA A 136 5.95 -2.24 14.61
CA ALA A 136 5.21 -3.51 14.47
C ALA A 136 3.72 -3.34 14.78
N ILE A 137 3.43 -2.51 15.77
CA ILE A 137 2.06 -2.07 16.11
C ILE A 137 1.35 -1.45 14.90
N GLY A 138 2.03 -0.50 14.25
CA GLY A 138 1.51 0.13 13.03
C GLY A 138 1.37 -0.84 11.87
N SER A 139 2.31 -1.77 11.77
CA SER A 139 2.26 -2.83 10.76
C SER A 139 0.99 -3.64 10.91
N SER A 140 0.83 -4.26 12.08
CA SER A 140 -0.36 -5.06 12.40
C SER A 140 -1.63 -4.21 12.34
N ALA A 141 -1.50 -2.93 12.68
CA ALA A 141 -2.59 -1.97 12.49
C ALA A 141 -3.00 -1.85 11.01
N SER A 142 -2.03 -1.90 10.09
CA SER A 142 -2.33 -1.89 8.64
C SER A 142 -3.21 -3.07 8.30
N ALA A 143 -2.62 -4.25 8.39
CA ALA A 143 -3.35 -5.51 8.31
C ALA A 143 -4.74 -5.46 8.95
N MET A 144 -4.85 -5.06 10.22
CA MET A 144 -6.16 -4.94 10.87
C MET A 144 -7.10 -4.20 9.95
N PHE A 145 -6.72 -2.97 9.58
CA PHE A 145 -7.67 -2.05 8.94
C PHE A 145 -7.94 -2.39 7.51
N ILE A 146 -6.91 -2.85 6.82
CA ILE A 146 -7.06 -3.20 5.43
C ILE A 146 -7.81 -4.50 5.31
N THR A 147 -7.49 -5.51 6.13
CA THR A 147 -8.22 -6.79 6.12
C THR A 147 -9.69 -6.62 6.39
N MET A 148 -10.03 -5.71 7.31
CA MET A 148 -11.42 -5.31 7.51
C MET A 148 -12.16 -4.98 6.21
N VAL A 149 -11.44 -4.55 5.19
CA VAL A 149 -12.05 -4.38 3.89
C VAL A 149 -12.48 -5.76 3.41
N ASN A 150 -11.54 -6.69 3.26
CA ASN A 150 -11.87 -8.02 2.71
C ASN A 150 -12.92 -8.74 3.57
N ALA A 151 -12.77 -8.63 4.87
CA ALA A 151 -13.71 -9.16 5.81
C ALA A 151 -15.10 -8.61 5.50
N PHE A 152 -15.16 -7.32 5.17
CA PHE A 152 -16.44 -6.67 4.86
C PHE A 152 -16.98 -7.11 3.51
N MET A 153 -16.10 -7.11 2.50
CA MET A 153 -16.43 -7.62 1.17
C MET A 153 -17.00 -9.01 1.25
N ASN A 154 -16.47 -9.82 2.16
CA ASN A 154 -17.03 -11.16 2.40
C ASN A 154 -18.40 -11.10 3.06
N THR A 155 -18.59 -10.15 3.99
CA THR A 155 -19.84 -10.03 4.72
C THR A 155 -20.23 -8.55 4.98
N PRO A 156 -21.49 -8.18 4.69
CA PRO A 156 -22.18 -7.01 5.22
C PRO A 156 -22.09 -6.93 6.78
N GLN A 157 -22.63 -5.89 7.42
CA GLN A 157 -23.45 -4.86 6.79
C GLN A 157 -22.93 -3.47 7.14
N GLY A 158 -23.78 -2.61 7.71
CA GLY A 158 -23.50 -1.18 7.78
C GLY A 158 -23.86 -0.49 6.47
N PHE A 159 -25.07 -0.76 5.99
CA PHE A 159 -25.59 -0.12 4.78
C PHE A 159 -27.06 -0.47 4.57
N GLU A 160 -27.66 0.15 3.55
CA GLU A 160 -29.01 -0.16 3.10
C GLU A 160 -29.08 0.12 1.61
N LEU A 161 -29.88 -0.70 0.91
CA LEU A 161 -29.99 -0.63 -0.54
C LEU A 161 -31.28 0.05 -1.00
N LYS A 162 -31.16 1.31 -1.38
CA LYS A 162 -32.24 2.06 -2.04
C LYS A 162 -32.19 1.75 -3.54
N ASN A 163 -32.95 0.73 -3.95
CA ASN A 163 -32.97 0.24 -5.34
C ASN A 163 -31.58 0.15 -5.99
N GLY A 164 -30.62 -0.38 -5.23
CA GLY A 164 -29.23 -0.46 -5.69
C GLY A 164 -28.29 0.50 -4.99
N GLU A 165 -28.78 1.70 -4.64
CA GLU A 165 -27.92 2.71 -4.01
C GLU A 165 -27.62 2.39 -2.55
N LEU A 166 -26.34 2.33 -2.21
CA LEU A 166 -25.89 1.90 -0.88
C LEU A 166 -25.77 3.12 0.06
N VAL A 167 -26.62 3.19 1.08
CA VAL A 167 -26.62 4.32 2.03
C VAL A 167 -26.89 3.85 3.47
N ASN A 168 -27.01 4.78 4.40
CA ASN A 168 -27.26 4.46 5.81
C ASN A 168 -26.13 3.59 6.36
N ILE A 169 -24.94 4.15 6.29
CA ILE A 169 -23.69 3.45 6.59
C ILE A 169 -23.23 3.65 8.02
N ASP A 170 -23.10 2.54 8.75
CA ASP A 170 -22.45 2.54 10.06
C ASP A 170 -21.00 2.08 9.91
N PRO A 171 -20.03 2.96 10.26
CA PRO A 171 -18.62 2.60 10.13
C PRO A 171 -18.27 1.27 10.76
N ILE A 172 -18.42 1.17 12.07
CA ILE A 172 -17.86 0.04 12.81
C ILE A 172 -18.66 -1.25 12.60
N VAL A 173 -19.89 -1.16 12.11
CA VAL A 173 -20.64 -2.36 11.77
C VAL A 173 -20.04 -3.01 10.52
N ALA A 174 -19.78 -2.19 9.51
CA ALA A 174 -19.12 -2.65 8.30
C ALA A 174 -17.67 -3.04 8.59
N MET A 175 -16.95 -2.23 9.37
CA MET A 175 -15.57 -2.57 9.68
C MET A 175 -15.48 -3.82 10.53
N PHE A 176 -16.22 -3.85 11.64
CA PHE A 176 -16.15 -4.96 12.61
C PHE A 176 -17.20 -6.04 12.31
N ASN A 177 -17.28 -6.42 11.03
CA ASN A 177 -18.20 -7.46 10.57
C ASN A 177 -17.86 -8.83 11.19
N PRO A 178 -18.65 -9.89 10.86
CA PRO A 178 -18.42 -11.21 11.46
C PRO A 178 -17.09 -11.84 11.06
N ALA A 179 -16.61 -11.52 9.86
CA ALA A 179 -15.38 -12.11 9.33
C ALA A 179 -14.12 -11.46 9.92
N MET A 180 -14.20 -10.16 10.20
CA MET A 180 -13.06 -9.35 10.65
C MET A 180 -12.13 -10.03 11.66
N PRO A 181 -12.70 -10.67 12.71
CA PRO A 181 -11.84 -11.29 13.72
C PRO A 181 -10.91 -12.33 13.12
N THR A 182 -11.49 -13.28 12.40
CA THR A 182 -10.74 -14.42 11.87
C THR A 182 -9.77 -14.04 10.77
N LYS A 183 -10.19 -13.06 9.96
CA LYS A 183 -9.34 -12.47 8.94
C LYS A 183 -8.16 -11.78 9.62
N VAL A 184 -8.44 -10.78 10.43
CA VAL A 184 -7.36 -10.06 11.09
C VAL A 184 -6.41 -11.06 11.80
N ALA A 185 -7.00 -11.96 12.59
CA ALA A 185 -6.23 -12.92 13.40
C ALA A 185 -5.38 -13.88 12.57
N HIS A 186 -6.05 -14.59 11.65
CA HIS A 186 -5.34 -15.53 10.79
C HIS A 186 -4.30 -14.84 9.93
N VAL A 187 -4.63 -13.66 9.40
CA VAL A 187 -3.67 -12.88 8.60
C VAL A 187 -2.47 -12.41 9.42
N LEU A 188 -2.70 -11.89 10.61
CA LEU A 188 -1.57 -11.50 11.46
C LEU A 188 -0.71 -12.72 11.85
N ALA A 189 -1.35 -13.77 12.34
CA ALA A 189 -0.60 -14.97 12.70
C ALA A 189 0.18 -15.52 11.49
N THR A 190 -0.52 -15.78 10.38
CA THR A 190 0.12 -16.27 9.13
C THR A 190 0.79 -15.13 8.35
N SER A 191 1.70 -14.44 9.05
CA SER A 191 2.46 -13.29 8.53
C SER A 191 3.54 -12.98 9.55
N TYR A 192 3.23 -13.10 10.84
CA TYR A 192 4.31 -13.30 11.80
C TYR A 192 5.02 -14.61 11.43
N MET A 193 4.23 -15.67 11.31
CA MET A 193 4.79 -16.98 10.97
C MET A 193 5.71 -16.87 9.75
N THR A 194 5.14 -16.46 8.63
CA THR A 194 5.85 -16.44 7.38
C THR A 194 7.22 -15.82 7.54
N SER A 195 7.28 -14.54 7.93
CA SER A 195 8.58 -13.87 8.14
C SER A 195 9.46 -14.58 9.18
N ALA A 196 8.82 -15.17 10.20
CA ALA A 196 9.54 -16.00 11.18
C ALA A 196 10.28 -17.16 10.53
N PHE A 197 9.63 -17.82 9.57
CA PHE A 197 10.31 -18.84 8.78
C PHE A 197 11.27 -18.28 7.71
N VAL A 198 10.96 -17.09 7.21
CA VAL A 198 11.83 -16.38 6.26
C VAL A 198 13.16 -16.01 6.84
N LEU A 199 13.20 -15.56 8.08
CA LEU A 199 14.52 -15.25 8.68
C LEU A 199 15.30 -16.53 9.02
N ALA A 200 14.58 -17.55 9.49
CA ALA A 200 15.12 -18.88 9.65
C ALA A 200 15.69 -19.44 8.35
N SER A 201 15.04 -19.15 7.22
CA SER A 201 15.56 -19.53 5.91
C SER A 201 16.77 -18.71 5.41
N ILE A 202 17.17 -17.69 6.18
CA ILE A 202 18.42 -17.00 5.95
C ILE A 202 19.42 -17.63 6.88
N ALA A 203 19.08 -17.66 8.16
CA ALA A 203 19.99 -18.23 9.14
C ALA A 203 20.41 -19.65 8.76
N ALA A 204 19.48 -20.44 8.22
CA ALA A 204 19.76 -21.82 7.80
C ALA A 204 20.53 -21.90 6.48
N TRP A 205 20.52 -20.82 5.70
CA TRP A 205 21.32 -20.74 4.48
C TRP A 205 22.74 -20.35 4.83
N HIS A 206 22.89 -19.22 5.52
CA HIS A 206 24.22 -18.76 5.94
C HIS A 206 24.91 -19.73 6.90
N LEU A 207 24.15 -20.37 7.79
CA LEU A 207 24.76 -21.34 8.73
C LEU A 207 25.14 -22.62 8.03
N TRP A 208 24.33 -23.02 7.05
CA TRP A 208 24.61 -24.21 6.29
C TRP A 208 25.91 -24.08 5.53
N LYS A 209 26.04 -23.00 4.76
CA LYS A 209 27.22 -22.81 3.91
C LYS A 209 28.45 -22.35 4.77
N GLY A 210 28.73 -21.05 4.80
CA GLY A 210 29.83 -20.49 5.61
C GLY A 210 29.44 -20.43 7.08
N ASN A 211 29.64 -21.56 7.77
CA ASN A 211 29.11 -21.77 9.11
C ASN A 211 29.60 -20.77 10.17
N ARG A 212 29.26 -19.50 10.00
CA ARG A 212 29.57 -18.50 11.03
C ARG A 212 28.55 -18.67 12.14
N HIS A 213 28.76 -19.69 12.97
CA HIS A 213 27.88 -19.98 14.11
C HIS A 213 27.39 -18.69 14.78
N ILE A 214 28.34 -17.77 14.96
CA ILE A 214 28.17 -16.41 15.51
C ILE A 214 26.68 -15.97 15.57
N TYR A 215 26.18 -15.28 14.53
CA TYR A 215 24.78 -14.82 14.51
C TYR A 215 23.94 -16.02 14.16
N HIS A 216 24.38 -16.71 13.11
CA HIS A 216 23.54 -17.56 12.33
C HIS A 216 22.98 -18.75 13.10
N ARG A 217 23.60 -19.16 14.21
CA ARG A 217 22.95 -20.21 15.03
C ARG A 217 21.91 -19.62 15.98
N LYS A 218 22.22 -18.44 16.51
CA LYS A 218 21.31 -17.70 17.40
C LYS A 218 20.04 -17.33 16.64
N ALA A 219 20.25 -16.78 15.45
CA ALA A 219 19.19 -16.46 14.51
C ALA A 219 18.23 -17.63 14.35
N LEU A 220 18.74 -18.76 13.89
CA LEU A 220 17.94 -19.96 13.76
C LEU A 220 17.26 -20.33 15.07
N HIS A 221 18.03 -20.42 16.15
CA HIS A 221 17.46 -20.83 17.42
C HIS A 221 16.27 -19.98 17.82
N LEU A 222 16.37 -18.65 17.65
CA LEU A 222 15.20 -17.79 17.94
C LEU A 222 14.08 -17.95 16.88
N THR A 223 14.43 -17.58 15.65
CA THR A 223 13.45 -17.54 14.57
C THR A 223 12.64 -18.84 14.55
N MET A 224 13.30 -19.98 14.72
CA MET A 224 12.57 -21.26 14.63
C MET A 224 11.55 -21.42 15.74
N LYS A 225 11.94 -21.04 16.96
CA LYS A 225 11.04 -21.19 18.10
C LYS A 225 9.83 -20.28 17.92
N THR A 226 10.09 -19.00 17.64
CA THR A 226 8.98 -18.07 17.40
C THR A 226 8.10 -18.56 16.22
N ALA A 227 8.73 -19.06 15.17
CA ALA A 227 8.03 -19.62 14.00
C ALA A 227 7.11 -20.75 14.41
N PHE A 228 7.62 -21.66 15.24
CA PHE A 228 6.76 -22.70 15.81
C PHE A 228 5.49 -22.09 16.45
N ILE A 229 5.71 -21.15 17.37
CA ILE A 229 4.59 -20.52 18.08
C ILE A 229 3.58 -19.94 17.09
N PHE A 230 4.10 -19.08 16.20
CA PHE A 230 3.25 -18.44 15.21
C PHE A 230 2.50 -19.43 14.32
N SER A 231 3.14 -20.55 13.98
CA SER A 231 2.46 -21.56 13.18
C SER A 231 1.36 -22.22 14.00
N VAL A 232 1.65 -22.48 15.27
CA VAL A 232 0.60 -23.03 16.15
C VAL A 232 -0.61 -22.08 16.20
N ALA A 233 -0.34 -20.83 16.58
CA ALA A 233 -1.43 -19.85 16.66
C ALA A 233 -2.18 -19.69 15.34
N SER A 234 -1.39 -19.64 14.27
CA SER A 234 -1.88 -19.58 12.91
C SER A 234 -2.85 -20.71 12.61
N ALA A 235 -2.43 -21.93 12.93
CA ALA A 235 -3.28 -23.12 12.73
C ALA A 235 -4.54 -23.03 13.59
N LEU A 236 -4.37 -22.66 14.87
CA LEU A 236 -5.56 -22.41 15.73
C LEU A 236 -6.58 -21.45 15.05
N VAL A 237 -6.12 -20.23 14.75
CA VAL A 237 -7.01 -19.23 14.12
C VAL A 237 -7.50 -19.68 12.74
N GLY A 238 -6.74 -20.59 12.13
CA GLY A 238 -7.17 -21.38 10.97
C GLY A 238 -8.39 -22.24 11.24
N ASP A 239 -8.32 -23.09 12.27
CA ASP A 239 -9.50 -23.85 12.72
C ASP A 239 -10.66 -22.91 13.01
N LEU A 240 -10.38 -21.85 13.79
CA LEU A 240 -11.38 -20.81 14.07
C LEU A 240 -12.07 -20.24 12.81
N SER A 241 -11.27 -19.69 11.90
CA SER A 241 -11.81 -19.18 10.64
C SER A 241 -12.56 -20.26 9.84
N GLY A 242 -12.03 -21.48 9.82
CA GLY A 242 -12.74 -22.62 9.21
C GLY A 242 -14.13 -22.81 9.79
N LYS A 243 -14.21 -22.85 11.11
CA LYS A 243 -15.49 -22.91 11.81
C LYS A 243 -16.39 -21.71 11.41
N PHE A 244 -15.80 -20.50 11.44
CA PHE A 244 -16.54 -19.32 11.00
C PHE A 244 -17.17 -19.62 9.67
N LEU A 245 -16.36 -20.07 8.70
CA LEU A 245 -16.89 -20.43 7.37
C LEU A 245 -18.03 -21.44 7.46
N ALA A 246 -17.74 -22.59 8.09
CA ALA A 246 -18.76 -23.62 8.25
C ALA A 246 -20.07 -23.04 8.75
N GLU A 247 -19.99 -22.08 9.67
CA GLU A 247 -21.20 -21.46 10.21
C GLU A 247 -21.85 -20.42 9.27
N TYR A 248 -21.04 -19.52 8.71
CA TYR A 248 -21.51 -18.28 8.05
C TYR A 248 -21.46 -18.30 6.53
N GLN A 249 -20.44 -18.93 5.96
CA GLN A 249 -20.27 -19.03 4.50
C GLN A 249 -19.67 -20.37 4.13
N PRO A 250 -20.50 -21.44 4.21
CA PRO A 250 -20.07 -22.80 3.80
C PRO A 250 -19.94 -23.01 2.28
N GLU A 251 -20.28 -21.99 1.50
CA GLU A 251 -20.07 -22.05 0.06
C GLU A 251 -18.59 -22.22 -0.26
N LYS A 252 -17.73 -21.52 0.50
CA LYS A 252 -16.30 -21.62 0.31
C LYS A 252 -15.93 -22.99 0.79
N LEU A 253 -16.21 -23.23 2.06
CA LEU A 253 -15.70 -24.39 2.78
C LEU A 253 -16.10 -25.72 2.15
N ALA A 254 -17.34 -25.80 1.68
CA ALA A 254 -17.87 -26.98 1.01
C ALA A 254 -17.22 -27.20 -0.35
N ALA A 255 -16.69 -26.12 -0.92
CA ALA A 255 -15.93 -26.17 -2.17
C ALA A 255 -14.48 -26.50 -1.89
N ALA A 256 -14.01 -26.08 -0.72
CA ALA A 256 -12.67 -26.41 -0.29
C ALA A 256 -12.61 -27.88 0.01
N GLU A 257 -13.63 -28.40 0.67
CA GLU A 257 -13.62 -29.77 1.15
C GLU A 257 -14.53 -30.69 0.33
N TRP A 258 -15.13 -30.14 -0.73
CA TRP A 258 -16.02 -30.90 -1.61
C TRP A 258 -17.09 -31.65 -0.82
N HIS A 259 -17.89 -30.91 -0.04
CA HIS A 259 -19.05 -31.51 0.62
C HIS A 259 -20.30 -31.15 -0.14
N PHE A 260 -20.48 -31.75 -1.30
CA PHE A 260 -21.66 -31.49 -2.13
C PHE A 260 -22.90 -31.80 -1.31
N GLU A 261 -22.80 -32.88 -0.53
CA GLU A 261 -23.89 -33.40 0.29
C GLU A 261 -23.79 -32.92 1.75
N THR A 262 -24.92 -32.45 2.28
CA THR A 262 -25.03 -32.02 3.68
C THR A 262 -25.13 -33.23 4.61
N SER A 263 -24.29 -33.25 5.65
CA SER A 263 -24.24 -34.38 6.59
C SER A 263 -23.78 -33.94 8.00
N SER A 264 -24.02 -34.82 8.97
CA SER A 264 -23.63 -34.57 10.37
C SER A 264 -22.12 -34.74 10.53
N HIS A 265 -21.67 -36.00 10.43
CA HIS A 265 -20.25 -36.31 10.49
C HIS A 265 -19.71 -36.37 9.06
N ALA A 266 -19.15 -35.24 8.62
CA ALA A 266 -18.70 -35.09 7.23
C ALA A 266 -17.17 -35.09 7.12
N PRO A 267 -16.60 -36.11 6.44
CA PRO A 267 -15.14 -36.21 6.37
C PRO A 267 -14.41 -35.07 5.61
N LEU A 268 -13.24 -34.69 6.11
CA LEU A 268 -12.35 -33.77 5.44
C LEU A 268 -11.48 -34.51 4.45
N ILE A 269 -10.81 -33.77 3.57
CA ILE A 269 -10.00 -34.38 2.54
C ILE A 269 -8.58 -33.83 2.57
N LEU A 270 -7.62 -34.75 2.39
CA LEU A 270 -6.19 -34.43 2.45
C LEU A 270 -5.69 -33.99 1.08
N PHE A 271 -6.16 -34.68 0.05
CA PHE A 271 -5.96 -34.27 -1.30
C PHE A 271 -6.85 -35.16 -2.16
N GLY A 272 -7.35 -34.60 -3.25
CA GLY A 272 -8.08 -35.38 -4.23
C GLY A 272 -7.99 -34.75 -5.59
N THR A 273 -8.80 -35.26 -6.52
CA THR A 273 -8.92 -34.72 -7.86
C THR A 273 -10.31 -34.95 -8.43
N LEU A 274 -11.17 -33.95 -8.22
CA LEU A 274 -12.46 -33.88 -8.88
C LEU A 274 -12.32 -32.78 -9.91
N GLU A 275 -12.21 -33.18 -11.18
CA GLU A 275 -12.26 -32.23 -12.28
C GLU A 275 -13.67 -31.62 -12.29
N GLU A 276 -13.76 -30.32 -12.57
CA GLU A 276 -14.98 -29.51 -12.37
C GLU A 276 -16.33 -30.24 -12.49
N ASP A 277 -16.41 -31.25 -13.37
CA ASP A 277 -17.66 -31.95 -13.68
C ASP A 277 -17.76 -33.39 -13.11
N ASN A 278 -17.64 -33.53 -11.79
CA ASN A 278 -17.76 -34.82 -11.09
C ASN A 278 -16.89 -35.95 -11.68
N GLU A 279 -15.62 -35.93 -11.30
CA GLU A 279 -14.65 -36.93 -11.73
C GLU A 279 -13.73 -37.22 -10.56
N VAL A 280 -14.26 -37.90 -9.54
CA VAL A 280 -13.52 -38.21 -8.31
C VAL A 280 -12.39 -39.20 -8.61
N LYS A 281 -11.14 -38.72 -8.59
CA LYS A 281 -9.98 -39.57 -8.84
C LYS A 281 -9.29 -39.95 -7.52
N TYR A 282 -8.15 -39.34 -7.21
CA TYR A 282 -7.46 -39.55 -5.93
C TYR A 282 -8.41 -39.18 -4.81
N ALA A 283 -8.50 -40.04 -3.80
CA ALA A 283 -9.49 -39.87 -2.75
C ALA A 283 -8.91 -40.29 -1.40
N LEU A 284 -8.34 -39.32 -0.69
CA LEU A 284 -7.76 -39.55 0.62
C LEU A 284 -8.42 -38.58 1.61
N GLU A 285 -9.27 -39.14 2.47
CA GLU A 285 -10.14 -38.35 3.33
C GLU A 285 -10.23 -38.93 4.74
N ILE A 286 -10.39 -38.04 5.71
CA ILE A 286 -10.46 -38.40 7.12
C ILE A 286 -11.79 -37.94 7.70
N PRO A 287 -12.23 -38.49 8.86
CA PRO A 287 -13.46 -37.97 9.50
C PRO A 287 -13.39 -36.48 9.91
N TYR A 288 -14.53 -35.93 10.34
CA TYR A 288 -14.71 -34.47 10.45
C TYR A 288 -14.02 -33.84 11.65
N ALA A 289 -13.44 -32.66 11.44
CA ALA A 289 -12.77 -31.93 12.50
C ALA A 289 -13.65 -30.82 13.06
N LEU A 290 -14.06 -29.90 12.19
CA LEU A 290 -14.66 -28.62 12.62
C LEU A 290 -16.08 -28.75 13.18
N SER A 291 -16.19 -29.65 14.15
CA SER A 291 -17.45 -30.01 14.80
C SER A 291 -17.18 -30.68 16.15
N ILE A 292 -16.23 -31.61 16.18
CA ILE A 292 -15.89 -32.39 17.38
C ILE A 292 -15.35 -31.52 18.52
N LEU A 293 -14.28 -30.76 18.24
CA LEU A 293 -13.69 -29.82 19.21
C LEU A 293 -13.96 -28.34 18.84
N ALA A 294 -14.42 -28.11 17.62
CA ALA A 294 -14.85 -26.77 17.18
C ALA A 294 -16.27 -26.51 17.70
N HIS A 295 -17.25 -27.26 17.19
CA HIS A 295 -18.65 -27.16 17.65
C HIS A 295 -18.93 -27.95 18.94
N ASN A 296 -17.94 -28.71 19.43
CA ASN A 296 -18.08 -29.55 20.63
C ASN A 296 -19.10 -30.70 20.49
N HIS A 297 -19.55 -30.96 19.25
CA HIS A 297 -20.53 -32.00 18.93
C HIS A 297 -20.28 -32.55 17.52
N PRO A 298 -19.63 -33.73 17.41
CA PRO A 298 -19.19 -34.30 16.12
C PRO A 298 -20.25 -34.34 15.02
N ALA A 299 -21.51 -34.53 15.40
CA ALA A 299 -22.63 -34.61 14.45
C ALA A 299 -23.26 -33.26 14.13
N ALA A 300 -22.50 -32.17 14.32
CA ALA A 300 -22.94 -30.86 13.84
C ALA A 300 -23.01 -30.90 12.32
N VAL A 301 -24.20 -30.65 11.78
CA VAL A 301 -24.48 -30.84 10.36
C VAL A 301 -23.85 -29.75 9.52
N VAL A 302 -22.86 -30.11 8.70
CA VAL A 302 -22.19 -29.16 7.83
C VAL A 302 -23.00 -28.92 6.57
N THR A 303 -23.21 -27.66 6.22
CA THR A 303 -23.96 -27.31 5.03
C THR A 303 -23.24 -27.88 3.81
N GLY A 304 -24.03 -28.43 2.89
CA GLY A 304 -23.50 -28.98 1.65
C GLY A 304 -23.52 -27.96 0.53
N LEU A 305 -22.72 -28.20 -0.51
CA LEU A 305 -22.58 -27.28 -1.62
C LEU A 305 -23.77 -27.41 -2.57
N ASN A 306 -24.35 -28.61 -2.67
CA ASN A 306 -25.56 -28.77 -3.47
C ASN A 306 -26.64 -27.82 -2.99
N ASP A 307 -26.72 -27.64 -1.68
CA ASP A 307 -27.68 -26.70 -1.09
C ASP A 307 -27.33 -25.22 -1.36
N ILE A 308 -26.27 -24.96 -2.11
CA ILE A 308 -25.97 -23.61 -2.55
C ILE A 308 -26.24 -23.53 -4.05
N PRO A 309 -26.89 -22.43 -4.49
CA PRO A 309 -27.15 -22.25 -5.93
C PRO A 309 -25.87 -22.34 -6.76
N GLU A 310 -25.96 -22.93 -7.94
CA GLU A 310 -24.80 -23.15 -8.79
C GLU A 310 -24.38 -21.88 -9.52
N ASP A 311 -25.17 -20.81 -9.35
CA ASP A 311 -24.74 -19.46 -9.73
C ASP A 311 -24.15 -18.72 -8.52
N GLU A 312 -24.33 -19.30 -7.33
CA GLU A 312 -23.78 -18.77 -6.09
C GLU A 312 -22.58 -19.57 -5.56
N ARG A 313 -22.26 -20.71 -6.17
CA ARG A 313 -21.09 -21.51 -5.77
C ARG A 313 -19.81 -21.03 -6.48
N PRO A 314 -18.66 -21.10 -5.79
CA PRO A 314 -17.37 -20.86 -6.43
C PRO A 314 -16.83 -22.18 -7.02
N PRO A 315 -15.67 -22.13 -7.69
CA PRO A 315 -15.09 -23.34 -8.33
C PRO A 315 -14.89 -24.52 -7.38
N LEU A 316 -14.39 -25.62 -7.93
CA LEU A 316 -14.01 -26.79 -7.15
C LEU A 316 -12.50 -26.97 -7.11
N TYR A 317 -11.78 -26.17 -7.91
CA TYR A 317 -10.34 -26.09 -7.86
C TYR A 317 -9.85 -25.25 -6.69
N ILE A 318 -10.73 -25.00 -5.72
CA ILE A 318 -10.36 -24.37 -4.45
C ILE A 318 -9.70 -25.39 -3.52
N HIS A 319 -10.24 -26.61 -3.46
CA HIS A 319 -9.70 -27.66 -2.60
C HIS A 319 -8.16 -27.73 -2.58
N TYR A 320 -7.58 -27.70 -3.78
CA TYR A 320 -6.13 -27.84 -3.95
C TYR A 320 -5.37 -26.82 -3.08
N LEU A 321 -5.92 -25.61 -3.01
CA LEU A 321 -5.33 -24.55 -2.23
C LEU A 321 -5.40 -24.79 -0.72
N PHE A 322 -6.53 -25.32 -0.27
CA PHE A 322 -6.66 -25.72 1.12
C PHE A 322 -5.62 -26.77 1.40
N ASP A 323 -5.57 -27.76 0.52
CA ASP A 323 -4.55 -28.80 0.66
C ASP A 323 -3.18 -28.13 0.85
N VAL A 324 -2.75 -27.38 -0.16
CA VAL A 324 -1.45 -26.68 -0.12
C VAL A 324 -1.25 -25.96 1.22
N MET A 325 -2.08 -24.93 1.44
CA MET A 325 -2.00 -24.06 2.61
C MET A 325 -1.92 -24.85 3.92
N VAL A 326 -2.88 -25.76 4.12
CA VAL A 326 -2.94 -26.52 5.37
C VAL A 326 -1.73 -27.42 5.53
N THR A 327 -1.45 -28.22 4.49
CA THR A 327 -0.35 -29.17 4.57
C THR A 327 1.00 -28.49 4.79
N ILE A 328 1.22 -27.38 4.08
CA ILE A 328 2.39 -26.53 4.36
C ILE A 328 2.34 -26.10 5.82
N GLY A 329 1.17 -25.62 6.26
CA GLY A 329 0.96 -25.31 7.68
C GLY A 329 1.53 -26.36 8.60
N VAL A 330 0.94 -27.55 8.53
CA VAL A 330 1.32 -28.71 9.40
C VAL A 330 2.78 -29.16 9.25
N PHE A 331 3.17 -29.43 8.01
CA PHE A 331 4.55 -29.80 7.74
C PHE A 331 5.53 -28.81 8.36
N LEU A 332 5.29 -27.53 8.07
CA LEU A 332 6.18 -26.45 8.47
C LEU A 332 6.19 -26.28 10.01
N MET A 333 5.00 -26.38 10.61
CA MET A 333 4.91 -26.49 12.06
C MET A 333 5.71 -27.66 12.61
N VAL A 334 5.68 -28.81 11.93
CA VAL A 334 6.47 -29.97 12.39
C VAL A 334 7.97 -29.72 12.28
N VAL A 335 8.42 -29.28 11.11
CA VAL A 335 9.82 -28.89 10.97
C VAL A 335 10.24 -27.95 12.12
N ALA A 336 9.45 -26.87 12.28
CA ALA A 336 9.71 -25.92 13.39
C ALA A 336 9.71 -26.54 14.77
N ALA A 337 8.73 -27.42 15.02
CA ALA A 337 8.57 -28.11 16.30
C ALA A 337 9.70 -29.06 16.59
N VAL A 338 10.30 -29.62 15.53
CA VAL A 338 11.44 -30.48 15.72
C VAL A 338 12.69 -29.66 15.91
N TYR A 339 12.96 -28.70 15.01
CA TYR A 339 14.25 -28.01 15.07
C TYR A 339 14.71 -27.73 16.51
N TRP A 340 14.05 -26.79 17.17
CA TRP A 340 14.41 -26.42 18.54
C TRP A 340 14.41 -27.64 19.45
N LEU A 341 13.41 -28.50 19.29
CA LEU A 341 13.26 -29.67 20.16
C LEU A 341 14.44 -30.62 19.90
N GLY A 342 14.31 -31.44 18.87
CA GLY A 342 15.30 -32.48 18.54
C GLY A 342 16.70 -31.98 18.20
N SER A 343 16.77 -30.90 17.40
CA SER A 343 18.05 -30.47 16.83
C SER A 343 18.86 -29.53 17.73
N ILE A 344 18.29 -29.14 18.88
CA ILE A 344 18.98 -28.32 19.86
C ILE A 344 18.86 -28.95 21.25
N PHE A 345 17.64 -29.07 21.77
CA PHE A 345 17.46 -29.53 23.16
C PHE A 345 17.45 -31.04 23.35
N ARG A 346 17.95 -31.76 22.33
CA ARG A 346 18.08 -33.21 22.39
C ARG A 346 19.39 -33.65 21.72
N TRP A 347 19.34 -34.00 20.42
CA TRP A 347 20.42 -34.77 19.78
C TRP A 347 21.32 -33.95 18.86
N LYS A 348 21.47 -32.66 19.16
CA LYS A 348 22.33 -31.76 18.38
C LYS A 348 22.35 -32.12 16.88
N TRP A 349 21.20 -31.95 16.23
CA TRP A 349 21.05 -32.10 14.78
C TRP A 349 21.09 -30.78 14.01
N THR A 350 21.34 -29.66 14.69
CA THR A 350 21.37 -28.34 14.03
C THR A 350 22.33 -28.34 12.85
N ALA A 351 23.59 -28.73 13.10
CA ALA A 351 24.64 -28.74 12.06
C ALA A 351 24.37 -29.68 10.89
N LYS A 352 23.39 -30.58 11.05
CA LYS A 352 22.98 -31.47 9.96
C LYS A 352 22.32 -30.67 8.85
N ASN A 353 22.65 -31.03 7.61
CA ASN A 353 22.05 -30.39 6.43
C ASN A 353 20.60 -30.82 6.25
N TRP A 354 20.30 -32.03 6.73
CA TRP A 354 18.94 -32.59 6.79
C TRP A 354 17.92 -31.60 7.38
N PHE A 355 18.36 -30.71 8.26
CA PHE A 355 17.52 -29.62 8.75
C PHE A 355 17.71 -28.35 7.96
N PHE A 356 18.96 -27.88 7.91
CA PHE A 356 19.28 -26.63 7.24
C PHE A 356 18.64 -26.50 5.88
N GLY A 357 18.59 -27.59 5.11
CA GLY A 357 17.88 -27.56 3.82
C GLY A 357 16.39 -27.22 3.97
N LEU A 358 15.70 -28.00 4.79
CA LEU A 358 14.28 -27.81 5.07
C LEU A 358 14.00 -26.43 5.63
N LEU A 359 14.92 -25.94 6.45
CA LEU A 359 14.80 -24.62 7.07
C LEU A 359 15.10 -23.52 6.07
N VAL A 360 15.92 -23.81 5.06
CA VAL A 360 16.07 -22.93 3.90
C VAL A 360 14.78 -22.93 3.10
N ALA A 361 14.18 -24.08 2.86
CA ALA A 361 12.86 -24.11 2.17
C ALA A 361 11.72 -23.44 2.96
N GLY A 362 11.88 -23.46 4.29
CA GLY A 362 10.89 -22.99 5.26
C GLY A 362 10.08 -21.75 4.92
N GLY A 363 10.76 -20.62 4.76
CA GLY A 363 10.10 -19.36 4.41
C GLY A 363 9.36 -19.41 3.09
N PRO A 364 10.09 -19.76 2.01
CA PRO A 364 9.44 -19.90 0.72
C PRO A 364 8.14 -20.72 0.77
N LEU A 365 8.19 -21.84 1.51
CA LEU A 365 6.99 -22.66 1.74
C LEU A 365 5.84 -21.85 2.37
N ALA A 366 6.17 -21.07 3.39
CA ALA A 366 5.19 -20.21 4.04
C ALA A 366 4.65 -19.18 3.05
N MET A 367 5.51 -18.45 2.34
CA MET A 367 4.99 -17.47 1.39
C MET A 367 4.06 -18.15 0.37
N ILE A 368 4.50 -19.31 -0.12
CA ILE A 368 3.65 -20.12 -1.00
C ILE A 368 2.28 -20.32 -0.34
N ALA A 369 2.29 -20.89 0.87
CA ALA A 369 1.05 -21.08 1.63
C ALA A 369 0.23 -19.80 1.75
N ILE A 370 0.89 -18.65 1.83
CA ILE A 370 0.21 -17.36 1.84
C ILE A 370 -0.54 -17.17 0.53
N GLU A 371 0.20 -17.17 -0.57
CA GLU A 371 -0.45 -16.93 -1.85
C GLU A 371 -1.65 -17.89 -1.99
N ALA A 372 -1.34 -19.17 -1.77
CA ALA A 372 -2.35 -20.21 -1.81
C ALA A 372 -3.57 -19.82 -1.00
N GLY A 373 -3.36 -19.61 0.30
CA GLY A 373 -4.43 -19.23 1.20
C GLY A 373 -5.26 -18.08 0.66
N TRP A 374 -4.59 -17.02 0.21
CA TRP A 374 -5.33 -15.86 -0.33
C TRP A 374 -6.17 -16.25 -1.51
N TYR A 375 -5.58 -17.06 -2.40
CA TYR A 375 -6.36 -17.62 -3.50
C TYR A 375 -7.59 -18.35 -2.95
N LEU A 376 -7.40 -19.19 -1.93
CA LEU A 376 -8.51 -19.96 -1.37
C LEU A 376 -9.60 -19.06 -0.86
N ALA A 377 -9.25 -18.18 0.06
CA ALA A 377 -10.24 -17.32 0.71
C ALA A 377 -10.88 -16.35 -0.27
N GLU A 378 -10.11 -15.85 -1.24
CA GLU A 378 -10.61 -14.85 -2.18
C GLU A 378 -11.42 -15.46 -3.35
N VAL A 379 -11.04 -16.64 -3.82
CA VAL A 379 -11.69 -17.27 -4.98
C VAL A 379 -12.99 -17.95 -4.59
N GLY A 380 -13.15 -18.28 -3.30
CA GLY A 380 -14.46 -18.71 -2.79
C GLY A 380 -15.48 -17.57 -2.72
N ARG A 381 -15.07 -16.42 -3.23
CA ARG A 381 -15.76 -15.16 -3.03
C ARG A 381 -16.43 -14.62 -4.30
N GLN A 382 -15.99 -15.09 -5.48
CA GLN A 382 -16.33 -14.45 -6.77
C GLN A 382 -17.83 -14.38 -7.05
N PRO A 383 -18.56 -15.46 -6.73
CA PRO A 383 -19.99 -15.49 -7.00
C PRO A 383 -20.93 -14.93 -5.90
N TRP A 384 -20.40 -14.30 -4.84
CA TRP A 384 -21.26 -13.59 -3.87
C TRP A 384 -21.34 -12.10 -4.17
N ILE A 385 -20.20 -11.50 -4.52
CA ILE A 385 -20.15 -10.07 -4.88
C ILE A 385 -21.24 -9.73 -5.92
N LEU A 386 -21.51 -10.64 -6.85
CA LEU A 386 -22.57 -10.43 -7.86
C LEU A 386 -24.01 -10.38 -7.33
N ARG A 387 -24.21 -10.65 -6.03
CA ARG A 387 -25.56 -10.71 -5.42
C ARG A 387 -25.80 -9.60 -4.37
N GLY A 388 -25.45 -9.85 -3.10
CA GLY A 388 -25.73 -8.92 -2.02
C GLY A 388 -25.01 -7.59 -2.19
N TYR A 389 -23.92 -7.63 -2.97
CA TYR A 389 -23.20 -6.42 -3.38
C TYR A 389 -23.66 -5.96 -4.76
N MET A 390 -22.94 -6.35 -5.81
CA MET A 390 -23.26 -5.96 -7.17
C MET A 390 -22.55 -6.86 -8.19
N LYS A 391 -23.25 -7.15 -9.29
CA LYS A 391 -22.77 -8.07 -10.33
C LYS A 391 -21.27 -7.88 -10.69
N THR A 392 -20.46 -8.87 -10.36
CA THR A 392 -19.05 -8.89 -10.76
C THR A 392 -18.96 -8.68 -12.27
N ALA A 393 -19.85 -9.37 -13.00
CA ALA A 393 -19.96 -9.23 -14.47
C ALA A 393 -20.28 -7.80 -14.92
N GLU A 394 -20.86 -7.01 -14.02
CA GLU A 394 -21.10 -5.58 -14.25
C GLU A 394 -20.28 -4.73 -13.26
N GLY A 395 -19.03 -5.14 -13.02
CA GLY A 395 -18.10 -4.35 -12.21
C GLY A 395 -16.92 -3.77 -12.98
N ALA A 396 -16.58 -4.37 -14.13
CA ALA A 396 -15.44 -3.95 -14.96
C ALA A 396 -15.85 -2.92 -16.03
N THR A 397 -14.90 -2.52 -16.89
CA THR A 397 -15.14 -1.45 -17.87
C THR A 397 -14.93 -1.85 -19.36
N THR A 398 -13.69 -1.79 -19.85
CA THR A 398 -13.38 -2.04 -21.28
C THR A 398 -12.29 -3.11 -21.45
N SER A 399 -12.15 -3.65 -22.67
CA SER A 399 -11.29 -4.81 -22.93
C SER A 399 -9.90 -4.43 -23.49
N ALA A 400 -9.89 -3.83 -24.68
CA ALA A 400 -8.65 -3.61 -25.45
C ALA A 400 -7.62 -2.67 -24.80
N HIS A 401 -7.97 -2.12 -23.63
CA HIS A 401 -7.00 -1.45 -22.78
C HIS A 401 -6.41 -2.42 -21.74
N VAL A 402 -7.30 -3.16 -21.08
CA VAL A 402 -6.90 -4.03 -19.97
C VAL A 402 -5.92 -5.10 -20.45
N ASP A 403 -6.24 -5.76 -21.56
CA ASP A 403 -5.38 -6.83 -22.09
C ASP A 403 -3.90 -6.43 -22.19
N THR A 404 -3.64 -5.17 -22.57
CA THR A 404 -2.28 -4.68 -22.79
C THR A 404 -1.64 -4.16 -21.50
N MET A 405 -2.39 -3.29 -20.80
CA MET A 405 -1.94 -2.77 -19.51
C MET A 405 -1.60 -3.92 -18.55
N LEU A 406 -2.34 -5.01 -18.66
CA LEU A 406 -2.07 -6.26 -17.93
C LEU A 406 -0.66 -6.79 -18.19
N VAL A 407 -0.28 -6.79 -19.47
CA VAL A 407 1.04 -7.27 -19.90
C VAL A 407 2.14 -6.28 -19.52
N LEU A 408 1.89 -4.99 -19.77
CA LEU A 408 2.78 -3.94 -19.25
C LEU A 408 3.07 -4.20 -17.76
N PHE A 409 2.01 -4.16 -16.96
CA PHE A 409 2.14 -4.41 -15.54
C PHE A 409 2.86 -5.74 -15.26
N CYS A 410 2.48 -6.79 -15.99
CA CYS A 410 3.14 -8.09 -15.87
C CYS A 410 4.67 -7.94 -15.97
N LEU A 411 5.14 -7.47 -17.13
CA LEU A 411 6.55 -7.12 -17.29
C LEU A 411 7.08 -6.33 -16.06
N LEU A 412 6.43 -5.19 -15.78
CA LEU A 412 6.89 -4.31 -14.71
C LEU A 412 7.17 -5.11 -13.43
N TYR A 413 6.14 -5.83 -12.98
CA TYR A 413 6.26 -6.62 -11.75
C TYR A 413 7.34 -7.68 -11.86
N ILE A 414 7.41 -8.34 -13.02
CA ILE A 414 8.51 -9.29 -13.28
C ILE A 414 9.87 -8.65 -12.99
N VAL A 415 10.10 -7.49 -13.60
CA VAL A 415 11.32 -6.72 -13.32
C VAL A 415 11.46 -6.42 -11.81
N LEU A 416 10.40 -5.86 -11.22
CA LEU A 416 10.43 -5.53 -9.77
C LEU A 416 10.93 -6.70 -8.95
N VAL A 417 10.22 -7.82 -9.05
CA VAL A 417 10.50 -9.01 -8.22
C VAL A 417 11.97 -9.45 -8.34
N ILE A 418 12.38 -9.63 -9.59
CA ILE A 418 13.74 -10.05 -9.91
C ILE A 418 14.74 -9.08 -9.29
N ALA A 419 14.62 -7.80 -9.69
CA ALA A 419 15.58 -6.78 -9.26
C ALA A 419 15.70 -6.73 -7.74
N SER A 420 14.52 -6.61 -7.10
CA SER A 420 14.46 -6.63 -5.64
C SER A 420 15.18 -7.86 -5.06
N ALA A 421 14.83 -9.05 -5.56
CA ALA A 421 15.53 -10.27 -5.11
C ALA A 421 17.04 -10.11 -5.23
N THR A 422 17.49 -9.71 -6.42
CA THR A 422 18.91 -9.49 -6.70
C THR A 422 19.60 -8.56 -5.69
N VAL A 423 19.09 -7.32 -5.59
CA VAL A 423 19.69 -6.33 -4.68
C VAL A 423 19.66 -6.85 -3.23
N LEU A 424 18.50 -7.39 -2.86
CA LEU A 424 18.25 -7.91 -1.51
C LEU A 424 19.10 -9.15 -1.18
N ILE A 425 19.62 -9.84 -2.19
CA ILE A 425 20.68 -10.86 -1.98
C ILE A 425 22.07 -10.21 -1.89
N ARG A 426 22.37 -9.37 -2.89
CA ARG A 426 23.62 -8.63 -2.94
C ARG A 426 23.96 -8.00 -1.58
N MET A 427 23.03 -7.23 -1.03
CA MET A 427 23.22 -6.66 0.31
C MET A 427 23.69 -7.75 1.29
N PHE A 428 22.96 -8.86 1.39
CA PHE A 428 23.28 -9.90 2.39
C PHE A 428 24.65 -10.51 2.12
N ARG A 429 25.02 -10.60 0.84
CA ARG A 429 26.35 -11.10 0.49
C ARG A 429 27.47 -10.09 0.77
N ARG A 430 27.14 -8.80 0.74
CA ARG A 430 28.08 -7.75 1.20
C ARG A 430 28.39 -7.82 2.71
N ASN A 431 27.49 -8.46 3.46
CA ASN A 431 27.61 -8.61 4.92
C ASN A 431 27.78 -7.29 5.70
N PRO A 432 26.77 -6.39 5.63
CA PRO A 432 26.70 -5.25 6.56
C PRO A 432 25.82 -5.53 7.79
N MET B 1 -25.11 18.50 2.27
CA MET B 1 -23.89 18.37 1.41
C MET B 1 -22.75 19.34 1.75
N THR B 2 -22.82 20.00 2.92
CA THR B 2 -21.75 20.92 3.37
C THR B 2 -20.47 20.13 3.61
N LEU B 3 -20.62 19.04 4.37
CA LEU B 3 -19.53 18.12 4.65
C LEU B 3 -18.90 17.61 3.35
N GLU B 4 -19.73 17.42 2.33
CA GLU B 4 -19.26 17.00 1.01
C GLU B 4 -18.46 18.08 0.29
N VAL B 5 -18.69 19.36 0.62
CA VAL B 5 -17.88 20.48 0.09
C VAL B 5 -16.61 20.67 0.93
N ILE B 6 -16.73 20.50 2.24
CA ILE B 6 -15.58 20.56 3.14
C ILE B 6 -14.58 19.45 2.81
N GLY B 7 -15.10 18.25 2.58
CA GLY B 7 -14.27 17.10 2.21
C GLY B 7 -13.37 17.43 1.03
N ILE B 8 -13.99 17.75 -0.10
CA ILE B 8 -13.24 18.13 -1.30
C ILE B 8 -12.36 19.36 -1.02
N SER B 9 -12.88 20.31 -0.24
CA SER B 9 -12.09 21.47 0.18
C SER B 9 -10.76 21.05 0.83
N VAL B 10 -10.81 20.05 1.72
CA VAL B 10 -9.59 19.57 2.40
C VAL B 10 -8.73 18.69 1.48
N LEU B 11 -9.39 17.79 0.76
CA LEU B 11 -8.69 16.86 -0.12
C LEU B 11 -7.94 17.59 -1.22
N TRP B 12 -8.49 18.72 -1.66
CA TRP B 12 -7.78 19.62 -2.57
C TRP B 12 -6.45 20.07 -1.96
N LEU B 13 -6.48 20.33 -0.66
CA LEU B 13 -5.29 20.73 0.08
C LEU B 13 -4.41 19.52 0.46
N PHE B 14 -4.98 18.31 0.38
CA PHE B 14 -4.15 17.09 0.33
C PHE B 14 -3.40 16.99 -0.99
N LEU B 15 -4.09 17.29 -2.09
CA LEU B 15 -3.45 17.34 -3.40
C LEU B 15 -2.40 18.46 -3.45
N PHE B 16 -2.70 19.60 -2.84
CA PHE B 16 -1.70 20.67 -2.71
C PHE B 16 -0.54 20.22 -1.83
N GLY B 17 -0.87 19.68 -0.65
CA GLY B 17 0.11 19.13 0.28
C GLY B 17 1.02 18.12 -0.40
N TYR B 18 0.46 17.38 -1.35
CA TYR B 18 1.24 16.49 -2.21
C TYR B 18 2.13 17.32 -3.13
N ILE B 19 1.52 18.27 -3.84
CA ILE B 19 2.24 19.14 -4.77
C ILE B 19 3.48 19.77 -4.14
N ILE B 20 3.35 20.22 -2.90
CA ILE B 20 4.47 20.82 -2.16
C ILE B 20 5.71 19.91 -2.16
N VAL B 21 5.59 18.75 -1.53
CA VAL B 21 6.70 17.79 -1.35
C VAL B 21 7.11 17.09 -2.65
N ALA B 22 6.11 16.79 -3.47
CA ALA B 22 6.32 16.19 -4.78
C ALA B 22 7.11 17.12 -5.68
N SER B 23 6.85 18.41 -5.59
CA SER B 23 7.65 19.41 -6.32
C SER B 23 9.13 19.29 -5.91
N ILE B 24 9.37 19.25 -4.61
CA ILE B 24 10.72 19.21 -4.06
C ILE B 24 11.43 17.93 -4.48
N ASP B 25 10.75 16.80 -4.29
CA ASP B 25 11.32 15.52 -4.67
C ASP B 25 11.54 15.37 -6.19
N PHE B 26 10.54 15.72 -6.99
CA PHE B 26 10.62 15.59 -8.45
C PHE B 26 11.54 16.63 -9.07
N GLY B 27 11.75 17.75 -8.38
CA GLY B 27 12.78 18.71 -8.77
C GLY B 27 14.15 18.17 -8.42
N ALA B 28 14.28 17.71 -7.18
CA ALA B 28 15.53 17.09 -6.72
C ALA B 28 15.95 15.95 -7.67
N GLY B 29 15.18 14.85 -7.68
CA GLY B 29 15.47 13.70 -8.54
C GLY B 29 15.30 13.99 -10.03
N PHE B 30 16.10 14.95 -10.49
CA PHE B 30 16.01 15.48 -11.85
C PHE B 30 17.12 16.53 -11.99
N PHE B 31 17.02 17.60 -11.20
CA PHE B 31 18.08 18.59 -11.13
C PHE B 31 19.36 17.92 -10.64
N SER B 32 19.23 17.19 -9.53
CA SER B 32 20.34 16.41 -8.97
C SER B 32 20.84 15.37 -9.98
N VAL B 33 19.91 14.79 -10.74
CA VAL B 33 20.24 13.80 -11.77
C VAL B 33 21.12 14.44 -12.84
N TYR B 34 20.72 15.62 -13.34
CA TYR B 34 21.59 16.32 -14.31
C TYR B 34 22.91 16.75 -13.68
N SER B 35 22.84 17.46 -12.55
CA SER B 35 24.04 17.93 -11.87
C SER B 35 25.01 16.78 -11.51
N HIS B 36 24.48 15.56 -11.35
CA HIS B 36 25.30 14.36 -11.16
C HIS B 36 25.31 13.41 -12.36
N TRP B 37 24.70 13.82 -13.48
CA TRP B 37 24.92 13.14 -14.76
C TRP B 37 26.40 13.30 -15.08
N ALA B 38 26.90 14.53 -14.90
CA ALA B 38 28.33 14.81 -14.89
C ALA B 38 28.92 14.29 -13.58
N ASN B 39 29.76 13.26 -13.68
CA ASN B 39 30.33 12.59 -12.52
C ASN B 39 29.25 11.89 -11.68
N GLN B 40 28.88 10.68 -12.11
CA GLN B 40 27.92 9.85 -11.37
C GLN B 40 28.59 9.25 -10.13
N GLN B 41 28.77 10.07 -9.10
CA GLN B 41 29.52 9.66 -7.91
C GLN B 41 28.62 8.92 -6.92
N HIS B 42 28.99 7.67 -6.62
CA HIS B 42 28.25 6.83 -5.68
C HIS B 42 28.33 7.37 -4.24
N ILE B 43 29.42 8.07 -3.93
CA ILE B 43 29.56 8.77 -2.65
C ILE B 43 28.46 9.82 -2.51
N LEU B 44 28.35 10.65 -3.54
CA LEU B 44 27.38 11.74 -3.56
C LEU B 44 25.95 11.23 -3.68
N HIS B 45 25.74 10.19 -4.50
CA HIS B 45 24.41 9.57 -4.62
C HIS B 45 24.02 8.87 -3.33
N ARG B 46 25.00 8.25 -2.67
CA ARG B 46 24.80 7.63 -1.36
C ARG B 46 24.42 8.69 -0.34
N ILE B 47 25.24 9.73 -0.22
CA ILE B 47 24.99 10.83 0.74
C ILE B 47 23.66 11.58 0.45
N ILE B 48 23.33 11.71 -0.84
CA ILE B 48 22.08 12.34 -1.28
C ILE B 48 20.89 11.44 -0.92
N GLN B 49 20.87 10.27 -1.56
CA GLN B 49 19.72 9.38 -1.53
C GLN B 49 19.52 8.68 -0.18
N ARG B 50 20.42 8.92 0.76
CA ARG B 50 20.20 8.54 2.16
C ARG B 50 19.09 9.38 2.79
N TYR B 51 18.88 10.59 2.27
CA TYR B 51 17.89 11.50 2.85
C TYR B 51 16.79 11.98 1.88
N LEU B 52 17.01 11.83 0.57
CA LEU B 52 16.03 12.25 -0.45
C LEU B 52 14.73 11.44 -0.40
N SER B 53 14.87 10.13 -0.33
CA SER B 53 13.77 9.17 -0.44
C SER B 53 12.64 9.37 0.57
N PRO B 54 12.97 9.56 1.86
CA PRO B 54 11.93 9.83 2.85
C PRO B 54 10.87 10.83 2.39
N VAL B 55 11.31 11.89 1.72
CA VAL B 55 10.40 12.87 1.16
C VAL B 55 9.41 12.15 0.23
N TRP B 56 9.97 11.47 -0.77
CA TRP B 56 9.21 10.67 -1.75
C TRP B 56 8.28 9.65 -1.08
N GLU B 57 8.68 9.14 0.07
CA GLU B 57 7.78 8.32 0.86
C GLU B 57 6.64 9.20 1.34
N VAL B 58 6.98 10.34 1.97
CA VAL B 58 5.94 11.26 2.50
C VAL B 58 4.93 11.69 1.42
N THR B 59 5.42 11.89 0.19
CA THR B 59 4.53 12.29 -0.92
C THR B 59 3.33 11.33 -1.11
N ASN B 60 3.65 10.04 -1.23
CA ASN B 60 2.66 9.03 -1.57
C ASN B 60 1.58 8.96 -0.52
N VAL B 61 1.92 9.37 0.69
CA VAL B 61 0.96 9.45 1.75
C VAL B 61 -0.08 10.50 1.41
N PHE B 62 0.36 11.71 1.06
CA PHE B 62 -0.56 12.75 0.59
C PHE B 62 -1.38 12.16 -0.55
N LEU B 63 -0.67 11.66 -1.55
CA LEU B 63 -1.33 11.14 -2.76
C LEU B 63 -2.46 10.14 -2.50
N VAL B 64 -2.14 9.14 -1.70
CA VAL B 64 -3.06 8.05 -1.40
C VAL B 64 -4.14 8.51 -0.40
N PHE B 65 -3.78 9.34 0.56
CA PHE B 65 -4.78 9.96 1.45
C PHE B 65 -5.82 10.67 0.60
N PHE B 66 -5.35 11.49 -0.34
CA PHE B 66 -6.25 12.13 -1.30
C PHE B 66 -7.08 11.08 -2.06
N PHE B 67 -6.38 10.20 -2.78
CA PHE B 67 -7.02 9.19 -3.63
C PHE B 67 -8.09 8.35 -2.92
N VAL B 68 -7.82 8.03 -1.66
CA VAL B 68 -8.69 7.17 -0.86
C VAL B 68 -9.79 8.01 -0.20
N GLY B 69 -9.46 9.25 0.15
CA GLY B 69 -10.42 10.17 0.73
C GLY B 69 -11.50 10.54 -0.26
N ILE B 70 -11.10 11.02 -1.45
CA ILE B 70 -12.05 11.53 -2.46
C ILE B 70 -13.24 10.58 -2.76
N VAL B 71 -12.98 9.28 -2.82
CA VAL B 71 -14.02 8.30 -3.13
C VAL B 71 -14.96 8.02 -1.96
N GLY B 72 -14.56 8.41 -0.76
CA GLY B 72 -15.43 8.30 0.42
C GLY B 72 -16.57 9.29 0.40
N PHE B 73 -16.24 10.50 -0.07
CA PHE B 73 -17.23 11.56 -0.28
C PHE B 73 -17.92 11.40 -1.61
N PHE B 74 -17.21 10.85 -2.60
CA PHE B 74 -17.76 10.76 -3.95
C PHE B 74 -17.46 9.41 -4.63
N PRO B 75 -18.26 8.37 -4.34
CA PRO B 75 -18.10 7.09 -5.04
C PRO B 75 -18.43 7.17 -6.54
N LYS B 76 -19.30 8.12 -6.88
CA LYS B 76 -19.69 8.33 -8.26
C LYS B 76 -18.49 8.75 -9.10
N THR B 77 -17.50 9.40 -8.50
CA THR B 77 -16.23 9.64 -9.20
C THR B 77 -15.56 8.30 -9.45
N ALA B 78 -15.53 7.46 -8.41
CA ALA B 78 -14.95 6.13 -8.55
C ALA B 78 -15.64 5.36 -9.67
N TYR B 79 -16.93 5.62 -9.88
CA TYR B 79 -17.59 5.15 -11.10
C TYR B 79 -17.04 5.85 -12.36
N TYR B 80 -17.33 7.14 -12.49
CA TYR B 80 -17.01 7.88 -13.72
C TYR B 80 -15.50 8.05 -13.90
N TYR B 81 -14.86 8.87 -13.07
CA TYR B 81 -13.40 9.07 -13.17
C TYR B 81 -12.68 7.73 -13.26
N GLY B 82 -13.07 6.76 -12.44
CA GLY B 82 -12.46 5.44 -12.49
C GLY B 82 -12.61 4.81 -13.86
N SER B 83 -13.85 4.75 -14.34
CA SER B 83 -14.14 4.10 -15.61
C SER B 83 -13.51 4.82 -16.80
N ILE B 84 -13.34 6.13 -16.69
CA ILE B 84 -12.73 6.91 -17.77
C ILE B 84 -11.21 6.79 -17.73
N LEU B 85 -10.63 7.19 -16.61
CA LEU B 85 -9.17 7.39 -16.48
C LEU B 85 -8.38 6.09 -16.47
N LEU B 86 -8.57 5.30 -17.52
CA LEU B 86 -8.14 3.90 -17.55
C LEU B 86 -6.65 3.75 -17.78
N VAL B 87 -6.11 4.56 -18.66
CA VAL B 87 -4.71 4.43 -19.07
C VAL B 87 -3.71 5.31 -18.27
N PRO B 88 -3.95 6.63 -18.16
CA PRO B 88 -2.94 7.52 -17.54
C PRO B 88 -2.48 7.05 -16.15
N ALA B 89 -3.46 6.54 -15.41
CA ALA B 89 -3.23 5.93 -14.09
C ALA B 89 -2.11 4.88 -14.14
N SER B 90 -2.30 3.85 -14.96
CA SER B 90 -1.32 2.76 -15.09
C SER B 90 0.08 3.29 -15.40
N ILE B 91 0.15 4.26 -16.32
CA ILE B 91 1.42 4.88 -16.69
C ILE B 91 2.04 5.57 -15.47
N ALA B 92 1.23 6.41 -14.81
CA ALA B 92 1.69 7.10 -13.59
C ALA B 92 2.23 6.10 -12.56
N ILE B 93 1.53 4.98 -12.45
CA ILE B 93 1.89 3.89 -11.56
C ILE B 93 3.18 3.16 -11.99
N VAL B 94 3.39 3.03 -13.31
CA VAL B 94 4.64 2.50 -13.84
C VAL B 94 5.79 3.43 -13.47
N LEU B 95 5.58 4.74 -13.73
CA LEU B 95 6.57 5.77 -13.39
C LEU B 95 6.92 5.78 -11.89
N LEU B 96 5.88 5.73 -11.06
CA LEU B 96 6.09 5.56 -9.62
C LEU B 96 6.86 4.28 -9.30
N ALA B 97 6.40 3.16 -9.86
CA ALA B 97 7.05 1.87 -9.64
C ALA B 97 8.53 2.02 -9.92
N ILE B 98 8.84 2.65 -11.05
CA ILE B 98 10.23 2.91 -11.43
C ILE B 98 10.93 3.77 -10.37
N ARG B 99 10.31 4.90 -10.04
CA ARG B 99 10.85 5.78 -9.01
C ARG B 99 11.26 4.95 -7.80
N GLY B 100 10.26 4.36 -7.15
CA GLY B 100 10.43 3.66 -5.88
C GLY B 100 11.38 2.48 -5.96
N SER B 101 11.18 1.65 -6.99
CA SER B 101 12.07 0.53 -7.25
C SER B 101 13.51 0.98 -7.12
N TYR B 102 13.85 2.02 -7.87
CA TYR B 102 15.22 2.47 -7.85
C TYR B 102 15.58 3.25 -6.58
N TYR B 103 14.62 3.96 -5.99
CA TYR B 103 14.86 4.57 -4.69
C TYR B 103 15.35 3.52 -3.71
N ALA B 104 14.72 2.34 -3.77
CA ALA B 104 15.08 1.19 -2.92
C ALA B 104 16.39 0.52 -3.34
N PHE B 105 16.49 0.17 -4.61
CA PHE B 105 17.66 -0.55 -5.12
C PHE B 105 18.94 0.26 -5.01
N HIS B 106 18.82 1.57 -5.23
CA HIS B 106 19.96 2.47 -5.10
C HIS B 106 20.51 2.47 -3.68
N THR B 107 19.63 2.35 -2.68
CA THR B 107 20.05 2.37 -1.27
C THR B 107 21.17 1.37 -0.97
N TYR B 108 21.06 0.18 -1.57
CA TYR B 108 22.07 -0.88 -1.45
C TYR B 108 22.39 -1.48 -2.82
N GLY B 109 22.62 -0.61 -3.80
CA GLY B 109 23.00 -1.03 -5.14
C GLY B 109 23.60 0.11 -5.95
N GLU B 110 24.93 0.17 -5.95
CA GLU B 110 25.68 1.23 -6.63
C GLU B 110 25.65 1.12 -8.18
N THR B 111 25.31 -0.07 -8.69
CA THR B 111 25.15 -0.30 -10.14
C THR B 111 23.93 0.48 -10.66
N GLU B 112 22.83 0.40 -9.92
CA GLU B 112 21.59 1.09 -10.28
C GLU B 112 21.70 2.57 -9.92
N ARG B 113 22.33 2.82 -8.77
CA ARG B 113 22.64 4.16 -8.22
C ARG B 113 23.13 5.20 -9.23
N ASN B 114 23.89 4.76 -10.23
CA ASN B 114 24.46 5.65 -11.25
C ASN B 114 23.74 5.58 -12.60
N TRP B 115 23.51 4.37 -13.10
CA TRP B 115 22.87 4.16 -14.41
C TRP B 115 21.37 4.46 -14.41
N TYR B 116 20.64 4.08 -13.35
CA TYR B 116 19.17 4.27 -13.34
C TYR B 116 18.73 5.62 -12.77
N LEU B 117 19.62 6.61 -12.84
CA LEU B 117 19.26 8.01 -12.63
C LEU B 117 18.58 8.53 -13.90
N LEU B 118 18.96 7.97 -15.04
CA LEU B 118 18.20 8.07 -16.29
C LEU B 118 16.69 8.00 -16.01
N ALA B 119 16.32 6.96 -15.26
CA ALA B 119 14.92 6.72 -14.87
C ALA B 119 14.33 7.86 -14.05
N TYR B 120 15.15 8.53 -13.24
CA TYR B 120 14.72 9.69 -12.46
C TYR B 120 14.60 10.94 -13.33
N GLY B 121 15.49 11.05 -14.31
CA GLY B 121 15.37 12.03 -15.37
C GLY B 121 14.06 11.87 -16.11
N LEU B 122 13.75 10.62 -16.50
CA LEU B 122 12.48 10.31 -17.15
C LEU B 122 11.28 10.62 -16.23
N THR B 123 11.16 9.86 -15.16
CA THR B 123 10.00 9.86 -14.25
C THR B 123 9.80 11.17 -13.49
N GLY B 124 10.91 11.68 -12.93
CA GLY B 124 10.91 12.92 -12.17
C GLY B 124 10.22 14.08 -12.90
N LEU B 125 10.19 13.99 -14.23
CA LEU B 125 9.44 14.95 -15.06
C LEU B 125 8.14 14.35 -15.62
N PHE B 126 8.22 13.10 -16.09
CA PHE B 126 7.08 12.42 -16.71
C PHE B 126 5.88 12.31 -15.78
N ILE B 127 6.13 12.18 -14.48
CA ILE B 127 5.04 12.02 -13.50
C ILE B 127 4.09 13.26 -13.42
N PRO B 128 4.68 14.46 -13.20
CA PRO B 128 3.94 15.72 -13.23
C PRO B 128 2.94 15.85 -14.38
N ALA B 129 3.34 15.43 -15.58
CA ALA B 129 2.44 15.40 -16.74
C ALA B 129 1.35 14.35 -16.57
N SER B 130 1.76 13.14 -16.17
CA SER B 130 0.82 12.02 -16.02
C SER B 130 -0.26 12.30 -15.00
N LEU B 131 0.06 13.07 -13.94
CA LEU B 131 -1.02 13.62 -13.07
C LEU B 131 -1.81 14.77 -13.79
N SER B 132 -1.05 15.65 -14.45
CA SER B 132 -1.61 16.84 -15.10
C SER B 132 -2.64 16.51 -16.17
N ILE B 133 -2.56 15.31 -16.75
CA ILE B 133 -3.58 14.83 -17.67
C ILE B 133 -4.94 14.68 -16.94
N VAL B 134 -4.91 14.11 -15.73
CA VAL B 134 -6.13 13.88 -14.95
C VAL B 134 -6.60 15.20 -14.36
N LEU B 135 -5.64 15.98 -13.86
CA LEU B 135 -5.97 17.33 -13.41
C LEU B 135 -6.63 18.14 -14.55
N THR B 136 -6.12 17.96 -15.78
CA THR B 136 -6.69 18.61 -16.98
C THR B 136 -8.09 18.09 -17.23
N ILE B 137 -8.20 16.79 -17.48
CA ILE B 137 -9.47 16.17 -17.84
C ILE B 137 -10.55 16.41 -16.77
N SER B 138 -10.14 16.54 -15.50
CA SER B 138 -11.05 16.88 -14.39
C SER B 138 -11.80 18.21 -14.58
N GLU B 139 -11.32 19.04 -15.51
CA GLU B 139 -12.02 20.26 -15.92
C GLU B 139 -12.25 20.26 -17.45
N GLY B 140 -12.36 19.07 -18.05
CA GLY B 140 -12.45 18.93 -19.51
C GLY B 140 -13.68 18.17 -19.99
N GLY B 141 -13.48 16.96 -20.51
CA GLY B 141 -14.59 16.15 -21.02
C GLY B 141 -14.20 14.88 -21.77
N PHE B 142 -14.93 13.80 -21.50
CA PHE B 142 -14.75 12.53 -22.22
C PHE B 142 -15.89 12.34 -23.23
N VAL B 143 -17.10 12.72 -22.85
CA VAL B 143 -18.21 12.91 -23.78
C VAL B 143 -18.85 14.30 -23.55
N GLU B 144 -17.98 15.28 -23.25
CA GLU B 144 -18.41 16.66 -22.92
C GLU B 144 -17.70 17.72 -23.79
N GLU B 145 -18.32 18.05 -24.93
CA GLU B 145 -17.85 19.13 -25.83
C GLU B 145 -18.92 20.24 -25.86
N ASN B 146 -18.93 21.09 -26.90
CA ASN B 146 -19.61 22.40 -26.84
C ASN B 146 -21.15 22.40 -26.92
N ALA B 147 -21.69 22.55 -28.14
CA ALA B 147 -23.10 22.96 -28.34
C ALA B 147 -24.13 22.26 -27.44
N ALA B 148 -23.96 20.95 -27.23
CA ALA B 148 -24.76 20.19 -26.25
C ALA B 148 -24.19 18.80 -25.91
N GLY B 149 -22.87 18.67 -25.91
CA GLY B 149 -22.21 17.40 -25.57
C GLY B 149 -22.07 16.41 -26.72
N VAL B 150 -20.96 16.50 -27.45
CA VAL B 150 -20.63 15.54 -28.51
C VAL B 150 -19.64 14.50 -27.96
N ALA B 151 -19.84 13.24 -28.32
CA ALA B 151 -18.94 12.15 -27.90
C ALA B 151 -17.54 12.41 -28.45
N LEU B 152 -16.53 12.39 -27.56
CA LEU B 152 -15.17 12.79 -27.90
C LEU B 152 -14.20 11.61 -28.09
N ASP B 153 -13.30 11.77 -29.06
CA ASP B 153 -12.23 10.83 -29.33
C ASP B 153 -11.10 11.10 -28.32
N TYR B 154 -11.17 10.43 -27.16
CA TYR B 154 -10.17 10.54 -26.09
C TYR B 154 -8.71 10.37 -26.55
N GLY B 155 -8.50 9.66 -27.66
CA GLY B 155 -7.17 9.52 -28.25
C GLY B 155 -6.59 10.80 -28.83
N LYS B 156 -7.46 11.74 -29.22
CA LYS B 156 -7.02 13.00 -29.82
C LYS B 156 -7.18 14.22 -28.90
N LEU B 157 -7.71 14.02 -27.69
CA LEU B 157 -7.79 15.10 -26.71
C LEU B 157 -6.45 15.32 -25.98
N PHE B 158 -5.45 14.47 -26.26
CA PHE B 158 -4.08 14.66 -25.77
C PHE B 158 -3.55 16.03 -26.20
N ALA B 159 -3.44 16.22 -27.51
CA ALA B 159 -2.92 17.46 -28.08
C ALA B 159 -3.97 18.57 -28.03
N SER B 160 -3.83 19.47 -27.05
CA SER B 160 -4.72 20.63 -26.93
C SER B 160 -4.00 21.78 -26.24
N PRO B 161 -4.39 23.03 -26.55
CA PRO B 161 -3.75 24.21 -25.97
C PRO B 161 -4.12 24.46 -24.50
N LEU B 162 -5.06 23.68 -23.96
CA LEU B 162 -5.46 23.76 -22.55
C LEU B 162 -4.72 22.74 -21.66
N SER B 163 -4.32 21.61 -22.25
CA SER B 163 -3.64 20.53 -21.52
C SER B 163 -2.20 20.91 -21.22
N TRP B 164 -1.48 21.33 -22.26
CA TRP B 164 -0.11 21.79 -22.11
C TRP B 164 -0.03 23.02 -21.23
N SER B 165 -1.12 23.79 -21.17
CA SER B 165 -1.23 24.89 -20.21
C SER B 165 -1.18 24.36 -18.77
N VAL B 166 -1.79 23.19 -18.54
CA VAL B 166 -1.71 22.52 -17.24
C VAL B 166 -0.34 21.85 -17.06
N VAL B 167 0.23 21.31 -18.14
CA VAL B 167 1.60 20.76 -18.13
C VAL B 167 2.60 21.85 -17.71
N LEU B 168 2.38 23.07 -18.19
CA LEU B 168 3.18 24.22 -17.81
C LEU B 168 2.82 24.72 -16.41
N LEU B 169 1.53 24.74 -16.08
CA LEU B 169 1.05 25.05 -14.73
C LEU B 169 1.75 24.15 -13.72
N SER B 170 2.05 22.91 -14.13
CA SER B 170 2.78 21.96 -13.29
C SER B 170 4.30 22.12 -13.42
N VAL B 171 4.87 21.58 -14.51
CA VAL B 171 6.31 21.33 -14.64
C VAL B 171 7.17 22.52 -14.16
N THR B 172 6.95 23.67 -14.79
CA THR B 172 7.70 24.89 -14.49
C THR B 172 7.60 25.29 -13.02
N SER B 173 6.41 25.13 -12.43
CA SER B 173 6.20 25.44 -11.02
C SER B 173 6.81 24.36 -10.10
N VAL B 174 6.87 23.11 -10.58
CA VAL B 174 7.64 22.06 -9.88
C VAL B 174 9.07 22.58 -9.79
N LEU B 175 9.62 22.88 -10.98
CA LEU B 175 10.97 23.44 -11.08
C LEU B 175 11.19 24.61 -10.11
N TYR B 176 10.31 25.60 -10.19
CA TYR B 176 10.41 26.82 -9.36
C TYR B 176 10.30 26.55 -7.86
N ILE B 177 9.22 25.89 -7.45
CA ILE B 177 8.98 25.53 -6.05
C ILE B 177 10.17 24.75 -5.50
N SER B 178 10.55 23.70 -6.21
CA SER B 178 11.71 22.91 -5.82
C SER B 178 12.93 23.83 -5.65
N ALA B 179 13.24 24.61 -6.69
CA ALA B 179 14.37 25.54 -6.65
C ALA B 179 14.33 26.49 -5.42
N VAL B 180 13.13 27.00 -5.10
CA VAL B 180 12.94 27.86 -3.91
C VAL B 180 13.24 27.09 -2.65
N PHE B 181 12.67 25.89 -2.52
CA PHE B 181 12.96 25.09 -1.32
C PHE B 181 14.45 24.77 -1.20
N LEU B 182 15.09 24.44 -2.32
CA LEU B 182 16.53 24.16 -2.33
C LEU B 182 17.34 25.40 -1.94
N THR B 183 16.93 26.55 -2.46
CA THR B 183 17.56 27.81 -2.14
C THR B 183 17.39 28.18 -0.66
N TYR B 184 16.18 27.99 -0.12
CA TYR B 184 15.86 28.38 1.26
C TYR B 184 16.93 27.98 2.27
N TYR B 185 17.36 26.72 2.20
CA TYR B 185 18.37 26.21 3.11
C TYR B 185 19.72 26.00 2.40
N ALA B 186 19.94 26.74 1.31
CA ALA B 186 21.20 26.64 0.59
C ALA B 186 22.34 27.26 1.41
N ASP B 187 22.68 26.59 2.52
CA ASP B 187 23.70 27.07 3.45
C ASP B 187 25.07 26.66 2.94
N ALA B 188 25.48 27.27 1.84
CA ALA B 188 26.76 26.99 1.21
C ALA B 188 27.21 28.15 0.33
N ALA B 189 28.47 28.13 -0.08
CA ALA B 189 29.02 29.12 -1.01
C ALA B 189 28.69 28.75 -2.45
N GLY B 190 28.33 27.48 -2.68
CA GLY B 190 27.94 27.00 -4.00
C GLY B 190 26.45 27.10 -4.27
N ASP B 191 25.81 28.12 -3.71
CA ASP B 191 24.34 28.31 -3.83
C ASP B 191 23.96 29.34 -4.89
N GLU B 192 24.96 29.82 -5.64
CA GLU B 192 24.74 30.83 -6.68
C GLU B 192 24.02 30.26 -7.91
N GLN B 193 24.19 28.97 -8.17
CA GLN B 193 23.57 28.29 -9.33
C GLN B 193 22.07 28.05 -9.08
N ALA B 194 21.77 27.70 -7.83
CA ALA B 194 20.40 27.46 -7.36
C ALA B 194 19.50 28.68 -7.52
N ARG B 195 20.05 29.87 -7.24
CA ARG B 195 19.30 31.13 -7.35
C ARG B 195 19.19 31.65 -8.79
N ALA B 196 20.16 31.29 -9.64
CA ALA B 196 20.11 31.59 -11.08
C ALA B 196 19.08 30.68 -11.77
N LEU B 197 19.18 29.38 -11.51
CA LEU B 197 18.15 28.44 -12.03
C LEU B 197 16.76 28.75 -11.43
N LEU B 198 16.75 29.08 -10.13
CA LEU B 198 15.53 29.55 -9.46
C LEU B 198 14.99 30.83 -10.10
N ARG B 199 15.87 31.74 -10.49
CA ARG B 199 15.46 32.94 -11.23
C ARG B 199 14.87 32.55 -12.58
N ARG B 200 15.55 31.67 -13.33
CA ARG B 200 14.99 31.17 -14.60
C ARG B 200 13.59 30.58 -14.40
N TYR B 201 13.44 29.76 -13.35
CA TYR B 201 12.15 29.12 -13.07
C TYR B 201 11.10 30.07 -12.48
N ALA B 202 11.56 31.14 -11.86
CA ALA B 202 10.72 32.21 -11.37
C ALA B 202 10.18 32.99 -12.56
N LEU B 203 11.06 33.27 -13.52
CA LEU B 203 10.66 33.86 -14.80
C LEU B 203 9.75 32.91 -15.59
N LEU B 204 9.99 31.60 -15.48
CA LEU B 204 9.05 30.62 -16.02
C LEU B 204 7.70 30.70 -15.31
N TRP B 205 7.73 30.93 -14.00
CA TRP B 205 6.51 31.09 -13.21
C TRP B 205 5.73 32.35 -13.64
N SER B 206 6.40 33.49 -13.65
CA SER B 206 5.78 34.73 -14.12
C SER B 206 5.28 34.56 -15.56
N GLY B 207 6.08 33.86 -16.38
CA GLY B 207 5.69 33.49 -17.72
C GLY B 207 4.86 32.23 -17.66
N PRO B 208 5.31 31.14 -18.34
CA PRO B 208 4.53 29.92 -18.58
C PRO B 208 3.45 29.53 -17.56
N THR B 209 3.74 29.65 -16.27
CA THR B 209 2.76 29.31 -15.24
C THR B 209 1.64 30.34 -15.15
N MET B 210 1.97 31.56 -14.74
CA MET B 210 0.98 32.64 -14.64
C MET B 210 0.43 32.99 -16.03
N LEU B 211 1.19 32.67 -17.07
CA LEU B 211 0.71 32.66 -18.46
C LEU B 211 -0.42 31.65 -18.57
N SER B 212 -0.16 30.41 -18.17
CA SER B 212 -1.15 29.33 -18.27
C SER B 212 -2.37 29.57 -17.39
N ALA B 213 -2.19 30.25 -16.25
CA ALA B 213 -3.30 30.71 -15.42
C ALA B 213 -4.26 31.57 -16.27
N LEU B 214 -3.72 32.22 -17.29
CA LEU B 214 -4.53 32.97 -18.25
C LEU B 214 -4.89 32.15 -19.50
N LEU B 215 -4.04 31.21 -19.92
CA LEU B 215 -4.34 30.31 -21.04
C LEU B 215 -5.59 29.51 -20.72
N ILE B 216 -5.71 29.12 -19.45
CA ILE B 216 -6.89 28.45 -18.95
C ILE B 216 -8.10 29.39 -19.02
N ILE B 217 -7.95 30.64 -18.57
CA ILE B 217 -9.03 31.65 -18.65
C ILE B 217 -9.50 31.88 -20.09
N TYR B 218 -8.54 31.98 -21.02
CA TYR B 218 -8.81 32.24 -22.44
C TYR B 218 -9.10 30.94 -23.23
N GLN B 219 -9.00 29.79 -22.56
CA GLN B 219 -9.51 28.53 -23.08
C GLN B 219 -10.94 28.28 -22.60
N LEU B 220 -11.24 28.72 -21.36
CA LEU B 220 -12.55 28.54 -20.75
C LEU B 220 -13.61 29.43 -21.37
N ARG B 221 -13.21 30.61 -21.86
CA ARG B 221 -14.11 31.48 -22.61
C ARG B 221 -14.76 30.73 -23.78
N TYR B 222 -13.98 29.87 -24.45
CA TYR B 222 -14.47 29.04 -25.55
C TYR B 222 -14.92 27.65 -25.08
N HIS B 223 -14.45 27.23 -23.91
CA HIS B 223 -14.80 25.93 -23.35
C HIS B 223 -15.92 26.01 -22.30
N ASN B 224 -15.58 26.39 -21.08
CA ASN B 224 -16.54 26.42 -19.97
C ASN B 224 -16.68 27.83 -19.40
N PRO B 225 -17.74 28.55 -19.82
CA PRO B 225 -17.93 29.95 -19.39
C PRO B 225 -18.22 30.11 -17.89
N GLU B 226 -18.86 29.12 -17.28
CA GLU B 226 -19.16 29.13 -15.84
C GLU B 226 -17.85 29.11 -15.03
N HIS B 227 -16.97 28.19 -15.42
CA HIS B 227 -15.63 28.07 -14.84
C HIS B 227 -14.83 29.36 -15.08
N TYR B 228 -14.91 29.90 -16.31
CA TYR B 228 -14.29 31.21 -16.61
C TYR B 228 -14.78 32.29 -15.64
N ASP B 229 -16.11 32.39 -15.49
CA ASP B 229 -16.74 33.37 -14.60
C ASP B 229 -16.28 33.17 -13.15
N ASN B 230 -16.35 31.93 -12.66
CA ASN B 230 -15.81 31.63 -11.31
C ASN B 230 -14.34 32.04 -11.17
N LEU B 231 -13.55 31.73 -12.18
CA LEU B 231 -12.11 32.04 -12.19
C LEU B 231 -11.83 33.53 -12.25
N TRP B 232 -12.73 34.28 -12.90
CA TRP B 232 -12.70 35.74 -12.83
C TRP B 232 -13.16 36.22 -11.44
N ASN B 233 -14.08 35.48 -10.81
CA ASN B 233 -14.53 35.78 -9.45
C ASN B 233 -13.50 35.41 -8.38
N VAL B 234 -12.51 34.60 -8.76
CA VAL B 234 -11.34 34.35 -7.91
C VAL B 234 -10.00 34.69 -8.58
N ALA B 235 -10.02 35.59 -9.58
CA ALA B 235 -8.79 36.05 -10.23
C ALA B 235 -7.95 36.89 -9.27
N TRP B 236 -8.62 37.64 -8.40
CA TRP B 236 -7.97 38.38 -7.30
C TRP B 236 -7.06 37.51 -6.42
N MET B 237 -7.40 36.23 -6.31
CA MET B 237 -6.55 35.25 -5.65
C MET B 237 -5.30 34.94 -6.48
N LEU B 238 -5.44 34.87 -7.80
CA LEU B 238 -4.30 34.71 -8.71
C LEU B 238 -3.40 35.94 -8.70
N VAL B 239 -4.04 37.09 -8.53
CA VAL B 239 -3.35 38.37 -8.28
C VAL B 239 -2.58 38.29 -6.97
N ILE B 240 -3.28 38.02 -5.86
CA ILE B 240 -2.63 37.80 -4.55
C ILE B 240 -1.42 36.85 -4.70
N SER B 241 -1.64 35.76 -5.44
CA SER B 241 -0.60 34.76 -5.71
C SER B 241 0.56 35.36 -6.49
N PHE B 242 0.26 36.16 -7.51
CA PHE B 242 1.30 36.85 -8.26
C PHE B 242 2.09 37.79 -7.35
N LEU B 243 1.39 38.46 -6.44
CA LEU B 243 2.03 39.37 -5.49
C LEU B 243 2.94 38.61 -4.52
N PHE B 244 2.43 37.50 -3.98
CA PHE B 244 3.26 36.62 -3.15
C PHE B 244 4.48 36.12 -3.94
N PHE B 245 4.25 35.72 -5.19
CA PHE B 245 5.35 35.39 -6.10
C PHE B 245 6.35 36.53 -6.20
N VAL B 246 5.85 37.76 -6.35
CA VAL B 246 6.72 38.94 -6.36
C VAL B 246 7.48 39.09 -5.05
N ILE B 247 6.85 38.74 -3.91
CA ILE B 247 7.54 38.74 -2.61
C ILE B 247 8.69 37.70 -2.59
N THR B 248 8.37 36.47 -3.00
CA THR B 248 9.39 35.41 -3.13
C THR B 248 10.53 35.82 -4.08
N VAL B 249 10.16 36.52 -5.16
CA VAL B 249 11.12 37.08 -6.11
C VAL B 249 11.97 38.17 -5.48
N TRP B 250 11.35 39.01 -4.64
CA TRP B 250 12.08 40.04 -3.90
C TRP B 250 13.10 39.38 -2.97
N LEU B 251 12.63 38.37 -2.22
CA LEU B 251 13.57 37.60 -1.39
C LEU B 251 14.67 36.93 -2.23
N LEU B 252 14.31 36.45 -3.42
CA LEU B 252 15.30 35.95 -4.40
C LEU B 252 16.36 37.01 -4.70
N GLY B 253 15.90 38.19 -5.13
CA GLY B 253 16.78 39.28 -5.52
C GLY B 253 17.65 39.79 -4.39
N ARG B 254 17.09 39.83 -3.17
CA ARG B 254 17.78 40.46 -2.05
C ARG B 254 18.26 39.48 -0.96
N GLN B 255 17.51 39.38 0.14
CA GLN B 255 18.04 38.91 1.42
C GLN B 255 18.26 37.40 1.47
N ARG B 256 18.96 36.98 2.53
CA ARG B 256 19.26 35.57 2.80
C ARG B 256 18.15 34.87 3.58
N ARG B 257 17.28 35.66 4.22
CA ARG B 257 16.16 35.11 4.98
C ARG B 257 15.06 34.66 4.03
N PHE B 258 15.19 33.44 3.51
CA PHE B 258 14.24 32.88 2.54
C PHE B 258 13.04 32.19 3.20
N GLY B 259 12.93 32.24 4.52
CA GLY B 259 11.73 31.76 5.22
C GLY B 259 10.48 32.44 4.69
N TRP B 260 10.58 33.76 4.50
CA TRP B 260 9.49 34.56 3.94
C TRP B 260 9.31 34.27 2.44
N ALA B 261 10.39 33.83 1.78
CA ALA B 261 10.31 33.36 0.40
C ALA B 261 9.52 32.07 0.32
N PHE B 262 9.71 31.20 1.31
CA PHE B 262 8.97 29.94 1.41
C PHE B 262 7.52 30.17 1.85
N ILE B 263 7.29 31.07 2.81
CA ILE B 263 5.92 31.40 3.22
C ILE B 263 5.19 32.07 2.05
N ALA B 264 5.88 33.02 1.41
CA ALA B 264 5.33 33.73 0.26
C ALA B 264 5.07 32.77 -0.91
N LEU B 265 6.00 31.85 -1.15
CA LEU B 265 5.80 30.81 -2.16
C LEU B 265 4.58 29.94 -1.81
N LEU B 266 4.56 29.52 -0.55
CA LEU B 266 3.50 28.68 0.00
C LEU B 266 2.16 29.34 -0.26
N PHE B 267 1.95 30.52 0.30
CA PHE B 267 0.69 31.22 0.09
C PHE B 267 0.44 31.49 -1.41
N GLN B 268 1.52 31.80 -2.13
CA GLN B 268 1.49 32.04 -3.59
C GLN B 268 0.85 30.88 -4.34
N TYR B 269 1.56 29.74 -4.45
CA TYR B 269 0.99 28.66 -5.24
C TYR B 269 -0.17 27.98 -4.51
N ALA B 270 -0.23 28.15 -3.18
CA ALA B 270 -1.38 27.70 -2.39
C ALA B 270 -2.63 28.37 -2.91
N PHE B 271 -2.63 29.69 -2.98
CA PHE B 271 -3.80 30.42 -3.50
C PHE B 271 -3.95 30.27 -5.03
N ALA B 272 -2.83 30.24 -5.76
CA ALA B 272 -2.87 30.01 -7.23
C ALA B 272 -3.45 28.63 -7.60
N PHE B 273 -3.35 27.68 -6.66
CA PHE B 273 -3.92 26.35 -6.78
C PHE B 273 -5.31 26.27 -6.15
N TYR B 274 -5.49 26.97 -5.04
CA TYR B 274 -6.72 26.96 -4.26
C TYR B 274 -7.83 27.68 -4.99
N ALA B 275 -7.48 28.76 -5.69
CA ALA B 275 -8.43 29.44 -6.57
C ALA B 275 -8.74 28.55 -7.78
N TYR B 276 -7.68 28.05 -8.40
CA TYR B 276 -7.76 27.11 -9.53
C TYR B 276 -8.70 25.93 -9.22
N GLY B 277 -8.71 25.53 -7.95
CA GLY B 277 -9.70 24.59 -7.44
C GLY B 277 -11.07 25.21 -7.25
N ILE B 278 -11.12 26.29 -6.44
CA ILE B 278 -12.38 26.94 -6.06
C ILE B 278 -13.25 27.22 -7.26
N SER B 279 -12.65 27.81 -8.28
CA SER B 279 -13.34 28.08 -9.52
C SER B 279 -14.02 26.84 -10.11
N HIS B 280 -13.31 25.72 -10.11
CA HIS B 280 -13.85 24.45 -10.56
C HIS B 280 -15.03 24.00 -9.70
N TYR B 281 -15.06 24.42 -8.43
CA TYR B 281 -16.11 24.00 -7.51
C TYR B 281 -17.34 24.90 -7.58
N PRO B 282 -18.46 24.46 -6.97
CA PRO B 282 -18.71 23.13 -6.39
C PRO B 282 -19.28 22.13 -7.41
N TYR B 283 -18.39 21.35 -8.04
CA TYR B 283 -18.74 20.21 -8.90
C TYR B 283 -17.44 19.52 -9.34
N LEU B 284 -17.56 18.35 -9.97
CA LEU B 284 -16.38 17.58 -10.38
C LEU B 284 -16.46 17.07 -11.83
N LEU B 285 -16.29 18.00 -12.77
CA LEU B 285 -16.32 17.74 -14.23
C LEU B 285 -17.74 17.64 -14.81
N TYR B 286 -18.47 16.62 -14.37
CA TYR B 286 -19.82 16.34 -14.86
C TYR B 286 -20.89 17.11 -14.06
N PRO B 287 -22.10 17.23 -14.63
CA PRO B 287 -23.28 17.64 -13.88
C PRO B 287 -23.83 16.50 -13.01
N TYR B 288 -23.42 15.25 -13.30
CA TYR B 288 -23.73 14.07 -12.47
C TYR B 288 -22.69 13.89 -11.35
N LEU B 289 -21.51 14.48 -11.53
CA LEU B 289 -20.43 14.45 -10.54
C LEU B 289 -20.36 15.75 -9.73
N THR B 290 -21.50 16.42 -9.59
CA THR B 290 -21.59 17.54 -8.68
C THR B 290 -21.57 17.01 -7.25
N ILE B 291 -20.96 17.78 -6.36
CA ILE B 291 -20.66 17.35 -4.99
C ILE B 291 -21.81 16.60 -4.31
N TYR B 292 -23.05 17.06 -4.50
CA TYR B 292 -24.21 16.50 -3.80
C TYR B 292 -24.90 15.32 -4.51
N ASP B 293 -24.43 14.95 -5.70
CA ASP B 293 -25.01 13.81 -6.43
C ASP B 293 -24.55 12.49 -5.80
N GLY B 294 -25.42 11.49 -5.88
CA GLY B 294 -25.16 10.18 -5.27
C GLY B 294 -24.92 10.33 -3.78
N PHE B 295 -25.86 11.00 -3.13
CA PHE B 295 -25.71 11.41 -1.73
C PHE B 295 -25.34 10.25 -0.83
N THR B 296 -24.22 10.41 -0.13
CA THR B 296 -23.67 9.37 0.72
C THR B 296 -24.13 9.57 2.16
N ASN B 297 -23.85 8.56 2.99
CA ASN B 297 -24.06 8.69 4.42
C ASN B 297 -22.92 9.52 5.01
N GLU B 298 -23.28 10.49 5.85
CA GLU B 298 -22.36 11.56 6.26
C GLU B 298 -21.65 11.36 7.62
N THR B 299 -21.90 10.24 8.28
CA THR B 299 -21.17 9.91 9.51
C THR B 299 -19.72 9.59 9.15
N MET B 300 -19.57 8.65 8.22
CA MET B 300 -18.26 8.28 7.72
C MET B 300 -17.58 9.45 7.01
N ALA B 301 -18.34 10.48 6.64
CA ALA B 301 -17.76 11.75 6.18
C ALA B 301 -17.03 12.41 7.34
N MET B 302 -17.69 12.50 8.49
CA MET B 302 -17.06 13.01 9.71
C MET B 302 -15.88 12.15 10.14
N ALA B 303 -16.07 10.83 10.12
CA ALA B 303 -14.97 9.88 10.42
C ALA B 303 -13.78 10.05 9.48
N LEU B 304 -14.09 10.19 8.18
CA LEU B 304 -13.08 10.42 7.15
C LEU B 304 -12.36 11.74 7.38
N ILE B 305 -13.11 12.77 7.72
CA ILE B 305 -12.50 14.05 8.08
C ILE B 305 -11.57 13.88 9.29
N VAL B 306 -12.06 13.15 10.31
CA VAL B 306 -11.21 12.79 11.46
C VAL B 306 -9.92 12.10 10.99
N ALA B 307 -10.06 11.18 10.04
CA ALA B 307 -8.90 10.50 9.45
C ALA B 307 -7.95 11.44 8.70
N PHE B 308 -8.52 12.44 8.02
CA PHE B 308 -7.72 13.44 7.29
C PHE B 308 -6.98 14.35 8.25
N ILE B 309 -7.66 14.71 9.34
CA ILE B 309 -7.04 15.43 10.45
C ILE B 309 -5.89 14.60 11.01
N ALA B 310 -6.18 13.35 11.35
CA ALA B 310 -5.15 12.44 11.89
C ALA B 310 -3.97 12.30 10.93
N GLY B 311 -4.28 12.28 9.63
CA GLY B 311 -3.26 12.25 8.60
C GLY B 311 -2.40 13.51 8.61
N LEU B 312 -3.04 14.67 8.41
CA LEU B 312 -2.29 15.93 8.33
C LEU B 312 -1.49 16.20 9.60
N LEU B 313 -2.12 15.86 10.73
CA LEU B 313 -1.52 15.95 12.05
C LEU B 313 -0.25 15.10 12.19
N LEU B 314 0.00 14.21 11.23
CA LEU B 314 1.30 13.57 11.10
C LEU B 314 2.10 14.17 9.95
N LEU B 315 1.47 14.32 8.79
CA LEU B 315 2.16 14.81 7.60
C LEU B 315 2.89 16.13 7.83
N ILE B 316 2.21 17.06 8.50
CA ILE B 316 2.81 18.37 8.72
C ILE B 316 3.93 18.28 9.79
N PRO B 317 3.60 17.83 11.01
CA PRO B 317 4.65 17.71 12.04
C PRO B 317 5.82 16.78 11.69
N SER B 318 5.63 15.85 10.77
CA SER B 318 6.72 15.03 10.27
C SER B 318 7.75 15.93 9.63
N LEU B 319 7.24 16.90 8.86
CA LEU B 319 8.09 17.84 8.15
C LEU B 319 8.59 18.95 9.08
N TYR B 320 7.72 19.41 9.97
CA TYR B 320 8.10 20.41 11.01
C TYR B 320 9.21 19.86 11.93
N LEU B 321 9.16 18.55 12.22
CA LEU B 321 10.23 17.87 13.00
C LEU B 321 11.44 17.52 12.12
N LEU B 322 11.18 17.11 10.88
CA LEU B 322 12.22 16.96 9.86
C LEU B 322 13.03 18.24 9.68
N MET B 323 12.38 19.40 9.88
CA MET B 323 13.05 20.72 9.88
C MET B 323 13.41 21.22 11.29
N ARG B 324 13.47 20.30 12.26
CA ARG B 324 14.07 20.55 13.58
C ARG B 324 15.22 19.57 13.88
N LEU B 325 15.21 18.40 13.24
CA LEU B 325 16.36 17.47 13.28
C LEU B 325 17.57 18.01 12.49
N PHE B 326 17.30 18.83 11.48
CA PHE B 326 18.36 19.48 10.70
C PHE B 326 18.83 20.81 11.31
N LEU B 327 18.27 21.17 12.48
CA LEU B 327 18.59 22.44 13.17
C LEU B 327 19.01 22.24 14.63
N PHE B 328 18.12 21.68 15.44
CA PHE B 328 18.32 21.56 16.90
C PHE B 328 18.62 22.93 17.55
N ASN B 329 18.00 23.99 17.02
CA ASN B 329 18.14 25.34 17.54
C ASN B 329 16.86 25.90 18.17
N LYS B 330 15.75 25.18 17.99
CA LYS B 330 14.43 25.57 18.49
C LYS B 330 13.94 26.90 17.92
N PHE C 4 -19.98 -15.29 20.91
CA PHE C 4 -19.13 -14.19 21.49
C PHE C 4 -17.70 -14.68 21.78
N LEU C 5 -17.60 -15.84 22.43
CA LEU C 5 -16.31 -16.43 22.86
C LEU C 5 -15.44 -16.81 21.67
N ILE C 6 -16.07 -17.38 20.64
CA ILE C 6 -15.37 -17.85 19.45
C ILE C 6 -15.21 -16.73 18.41
N MET C 7 -15.98 -15.65 18.56
CA MET C 7 -15.80 -14.43 17.79
C MET C 7 -14.62 -13.61 18.36
N TYR C 8 -14.51 -13.54 19.69
CA TYR C 8 -13.37 -12.89 20.34
C TYR C 8 -12.09 -13.72 20.25
N ALA C 9 -12.19 -15.00 20.58
CA ALA C 9 -11.04 -15.92 20.75
C ALA C 9 -9.82 -15.74 19.82
N PRO C 10 -10.05 -15.63 18.50
CA PRO C 10 -8.90 -15.55 17.59
C PRO C 10 -7.82 -14.51 17.99
N MET C 11 -8.27 -13.26 18.06
CA MET C 11 -7.39 -12.15 18.40
C MET C 11 -6.67 -12.41 19.72
N VAL C 12 -7.37 -13.07 20.65
CA VAL C 12 -6.78 -13.51 21.90
C VAL C 12 -5.65 -14.48 21.60
N VAL C 13 -5.97 -15.58 20.94
CA VAL C 13 -4.95 -16.57 20.54
C VAL C 13 -3.71 -15.85 19.96
N VAL C 14 -3.97 -14.88 19.08
CA VAL C 14 -2.87 -14.08 18.49
C VAL C 14 -2.07 -13.36 19.57
N ALA C 15 -2.78 -12.52 20.33
CA ALA C 15 -2.17 -11.76 21.42
C ALA C 15 -1.32 -12.67 22.34
N LEU C 16 -1.80 -13.89 22.58
CA LEU C 16 -1.04 -14.89 23.34
C LEU C 16 0.22 -15.30 22.58
N SER C 17 0.03 -15.77 21.35
CA SER C 17 1.17 -16.17 20.54
C SER C 17 2.27 -15.12 20.52
N VAL C 18 1.87 -13.83 20.44
CA VAL C 18 2.87 -12.73 20.43
C VAL C 18 3.78 -12.74 21.68
N VAL C 19 3.15 -12.64 22.85
CA VAL C 19 3.88 -12.57 24.12
C VAL C 19 4.47 -13.93 24.55
N ALA C 20 4.02 -15.02 23.92
CA ALA C 20 4.76 -16.28 23.99
C ALA C 20 6.05 -16.17 23.17
N ALA C 21 5.91 -15.67 21.94
CA ALA C 21 7.05 -15.40 21.04
C ALA C 21 8.08 -14.48 21.68
N PHE C 22 7.62 -13.47 22.42
CA PHE C 22 8.52 -12.74 23.31
C PHE C 22 9.13 -13.62 24.40
N TRP C 23 8.27 -14.38 25.11
CA TRP C 23 8.69 -15.19 26.27
C TRP C 23 9.77 -16.22 25.90
N VAL C 24 9.80 -16.65 24.65
CA VAL C 24 10.93 -17.47 24.18
C VAL C 24 12.28 -16.77 24.43
N GLY C 25 12.35 -15.49 24.07
CA GLY C 25 13.56 -14.67 24.28
C GLY C 25 14.05 -14.54 25.72
N LEU C 26 13.17 -14.76 26.69
CA LEU C 26 13.54 -14.79 28.11
C LEU C 26 13.80 -16.22 28.58
N LYS C 27 12.93 -17.16 28.19
CA LYS C 27 13.05 -18.52 28.71
C LYS C 27 14.25 -19.27 28.11
N ASP C 28 14.13 -19.75 26.88
CA ASP C 28 15.20 -20.54 26.26
C ASP C 28 15.96 -19.71 25.23
N VAL C 29 16.39 -18.53 25.66
CA VAL C 29 17.34 -17.69 24.90
C VAL C 29 18.29 -16.98 25.88
N HIS C 30 17.73 -16.21 26.80
CA HIS C 30 18.50 -15.51 27.84
C HIS C 30 19.20 -16.50 28.79
N VAL C 31 18.42 -17.31 29.50
CA VAL C 31 18.95 -18.22 30.54
C VAL C 31 19.17 -19.67 30.04
N ASN C 32 19.45 -19.83 28.75
CA ASN C 32 19.70 -21.15 28.16
C ASN C 32 20.26 -21.04 26.75
N GLU C 33 20.77 -22.17 26.23
CA GLU C 33 21.29 -22.32 24.86
C GLU C 33 21.86 -21.04 24.23
#